data_9KYW
#
_entry.id   9KYW
#
_cell.length_a   1.00
_cell.length_b   1.00
_cell.length_c   1.00
_cell.angle_alpha   90.00
_cell.angle_beta   90.00
_cell.angle_gamma   90.00
#
_symmetry.space_group_name_H-M   'P 1'
#
loop_
_entity.id
_entity.type
_entity.pdbx_description
1 polymer 'Scaffolding protein'
2 polymer 'Portal protein'
#
loop_
_entity_poly.entity_id
_entity_poly.type
_entity_poly.pdbx_seq_one_letter_code
_entity_poly.pdbx_strand_id
1 'polypeptide(L)'
;MEPTTEIQATEDLTLSGDHAAASADSLVVDNANDNAGQEEGFEIVLKDDETAPKQDPAKNAEFARRRIERKRQRELEQQM
EAVKRGELPESLRVNPDLPPQPDINAYLSEEGLAKYDYDNSRALAAFNAANTEWLMKRQDARSNAELEQQMETVKRTQQS
AQYVEAARKHYDAAEKLNIPDYQEKEDAFMQLVPPAVGADIMRLFPEKSAALMYHLGANPEKARQLLAMDGQSALIELTR
LSERLTLKPRGKQISSAPPADQPITGDVSAANKDAIRKQMDAAASKGDVETYRKLKAKLKGIR
;
A
2 'polypeptide(L)'
;MADNENRLESILSRFDADWTASDEARREAKNDLFFSRVSQWDDWLSQYTTLQYRGQFDVVRPVVRKLVSEMRQNPIDVLY
RPKDGARPDAADVLMGMYRTDMRHNTAKIAVNIAVREQIEAGVGAWRLVTDYEDQSPTSNNQVIRREPIHSACSHVIWDS
NSKLMDKSDARHCTVIHSMSQNGWEDFAEKYDLDADDIPSFQNPNDWVFPWLTQDTIQIAEFYEVVEKKETAFIYQDPVT
GEPVSYFKRDIKDVIDDLADSGFIKIAERQIKRRRVYKSIITCTAVLKDKQLIAGEHIPIVPVFGEWGFVEDKEVYEGVV
RLTKDGQRLRNMIMSFNADIVARTPKKKPFFWPEQIAGFEHMYDGNDDYPYYLLNRTDENSGDLPTQPLAYYENPEVPQA
NAYMLEAATSAVKEVATLGVDTEAVNGGQVAFDTVNQLNMRADLETYVFQDNLATAMRRDGEIYQSIVNDIYDVPRNVTI
TLEDGSEKDVQLMAEVVDLATGEKQVLNDIRGRYECYTDVGPSFQSMKQQNRAEILELLGKTPQGTPEYQLLLLQYFTLL
DGKGVEMMRDYANKQLIQMGVKKPETPEEQQWLVEAQQAKQGQQDPAMVQAQGVLLQGQAELAKAQNQTLSLQIDAAKVE
AQNQLNAARIAEIFNNMDLSKQSEFREFLKTVASFQQDRSEDARANAELLLKGDEQTHKQRMDIANILQSQRQNQPSGSV
AETPQ
;
B,L
#
# COMPACT_ATOMS: atom_id res chain seq x y z
N LYS A 71 35.43 -17.46 29.33
CA LYS A 71 36.25 -18.58 29.76
C LYS A 71 36.88 -18.29 31.12
N ARG A 72 37.23 -17.01 31.33
CA ARG A 72 37.79 -16.60 32.61
C ARG A 72 36.79 -16.79 33.74
N GLN A 73 35.51 -16.52 33.49
CA GLN A 73 34.48 -16.82 34.49
C GLN A 73 34.43 -18.32 34.77
N ARG A 74 34.60 -19.14 33.74
CA ARG A 74 34.58 -20.59 33.93
C ARG A 74 35.76 -21.06 34.77
N GLU A 75 36.95 -20.52 34.54
CA GLU A 75 38.10 -20.95 35.34
C GLU A 75 37.99 -20.44 36.77
N LEU A 76 37.40 -19.25 36.97
CA LEU A 76 37.15 -18.80 38.34
C LEU A 76 36.08 -19.66 39.00
N GLU A 77 35.13 -20.17 38.22
CA GLU A 77 34.17 -21.14 38.76
C GLU A 77 34.87 -22.43 39.18
N GLN A 78 35.80 -22.90 38.36
CA GLN A 78 36.60 -24.06 38.74
C GLN A 78 37.39 -23.80 40.01
N GLN A 79 37.93 -22.58 40.14
CA GLN A 79 38.66 -22.23 41.36
C GLN A 79 37.75 -22.22 42.58
N MET A 80 36.54 -21.66 42.45
CA MET A 80 35.61 -21.71 43.59
C MET A 80 35.25 -23.14 43.96
N GLU A 81 35.03 -24.00 42.96
CA GLU A 81 34.72 -25.40 43.26
C GLU A 81 35.89 -26.10 43.93
N ALA A 82 37.12 -25.81 43.50
CA ALA A 82 38.29 -26.40 44.13
C ALA A 82 38.42 -25.95 45.58
N VAL A 83 38.19 -24.66 45.84
CA VAL A 83 38.26 -24.17 47.21
C VAL A 83 37.15 -24.78 48.06
N LYS A 84 35.94 -24.87 47.51
CA LYS A 84 34.80 -25.42 48.24
C LYS A 84 34.98 -26.90 48.56
N ARG A 85 35.52 -27.67 47.62
CA ARG A 85 35.71 -29.11 47.81
C ARG A 85 36.72 -29.40 48.90
N THR A 157 38.45 -19.00 54.21
CA THR A 157 37.61 -19.43 53.09
C THR A 157 36.45 -18.46 52.88
N GLN A 158 35.96 -17.89 53.98
CA GLN A 158 34.85 -16.93 53.89
C GLN A 158 35.25 -15.69 53.10
N GLN A 159 36.48 -15.21 53.32
CA GLN A 159 36.97 -14.07 52.55
C GLN A 159 37.02 -14.38 51.07
N SER A 160 37.59 -15.54 50.72
CA SER A 160 37.65 -15.95 49.31
C SER A 160 36.25 -16.10 48.73
N ALA A 161 35.31 -16.62 49.52
CA ALA A 161 33.94 -16.71 49.06
C ALA A 161 33.38 -15.33 48.72
N GLN A 162 33.32 -14.45 49.73
CA GLN A 162 32.76 -13.11 49.49
C GLN A 162 33.43 -12.45 48.29
N TYR A 163 34.75 -12.63 48.15
CA TYR A 163 35.45 -12.09 46.99
C TYR A 163 34.95 -12.70 45.69
N VAL A 164 34.64 -14.01 45.67
CA VAL A 164 34.22 -14.62 44.42
C VAL A 164 32.77 -14.32 44.06
N GLU A 165 31.85 -14.18 45.03
CA GLU A 165 30.54 -13.64 44.63
C GLU A 165 30.65 -12.20 44.18
N ALA A 166 31.54 -11.40 44.80
CA ALA A 166 31.75 -10.05 44.29
C ALA A 166 32.26 -10.08 42.86
N ALA A 167 33.15 -11.03 42.56
CA ALA A 167 33.64 -11.17 41.19
C ALA A 167 32.56 -11.69 40.25
N ARG A 168 31.60 -12.44 40.78
CA ARG A 168 30.49 -12.91 39.94
C ARG A 168 29.57 -11.75 39.56
N LYS A 169 29.29 -10.86 40.51
CA LYS A 169 28.57 -9.63 40.17
C LYS A 169 29.40 -8.76 39.23
N HIS A 170 30.72 -8.72 39.43
CA HIS A 170 31.62 -8.12 38.46
C HIS A 170 31.40 -8.67 37.05
N TYR A 171 31.35 -9.99 36.91
CA TYR A 171 31.19 -10.59 35.60
C TYR A 171 29.80 -10.34 35.04
N ASP A 172 28.78 -10.28 35.90
CA ASP A 172 27.45 -9.91 35.44
C ASP A 172 27.44 -8.50 34.86
N ALA A 173 28.10 -7.56 35.56
CA ALA A 173 28.20 -6.20 35.05
C ALA A 173 28.98 -6.16 33.74
N ALA A 174 30.05 -6.95 33.65
CA ALA A 174 30.84 -7.00 32.42
C ALA A 174 30.02 -7.55 31.26
N GLU A 175 29.25 -8.60 31.50
CA GLU A 175 28.40 -9.17 30.46
C GLU A 175 27.32 -8.18 30.03
N LYS A 176 26.79 -7.40 30.98
CA LYS A 176 25.92 -6.30 30.61
C LYS A 176 26.66 -5.31 29.72
N LEU A 177 27.92 -5.03 30.04
CA LEU A 177 28.74 -4.16 29.20
C LEU A 177 29.19 -4.88 27.93
N ASN A 178 29.60 -6.15 28.07
CA ASN A 178 30.10 -6.95 26.95
C ASN A 178 31.26 -6.24 26.25
N ILE A 179 32.18 -5.68 27.03
CA ILE A 179 33.39 -5.08 26.51
C ILE A 179 34.47 -6.16 26.46
N PRO A 180 34.95 -6.55 25.29
CA PRO A 180 35.87 -7.69 25.23
C PRO A 180 37.28 -7.36 25.68
N ASP A 181 37.77 -6.15 25.34
CA ASP A 181 39.14 -5.81 25.71
C ASP A 181 39.29 -5.65 27.22
N TYR A 182 38.17 -5.50 27.92
CA TYR A 182 38.23 -5.38 29.38
C TYR A 182 38.74 -6.68 30.00
N GLN A 183 38.35 -7.83 29.42
CA GLN A 183 38.72 -9.12 30.01
C GLN A 183 40.21 -9.20 30.30
N GLU A 184 41.03 -8.63 29.41
CA GLU A 184 42.45 -8.47 29.72
C GLU A 184 42.67 -7.34 30.72
N LYS A 185 41.80 -6.33 30.72
CA LYS A 185 42.05 -5.17 31.55
C LYS A 185 41.98 -5.51 33.04
N GLU A 186 40.97 -6.28 33.46
CA GLU A 186 40.84 -6.55 34.90
C GLU A 186 41.98 -7.43 35.39
N ASP A 187 42.41 -8.41 34.59
CA ASP A 187 43.45 -9.31 35.08
C ASP A 187 44.81 -8.63 35.05
N ALA A 188 45.07 -7.81 34.02
CA ALA A 188 46.27 -6.98 34.05
C ALA A 188 46.24 -6.02 35.23
N PHE A 189 45.05 -5.53 35.59
CA PHE A 189 44.90 -4.68 36.75
C PHE A 189 45.32 -5.41 38.02
N MET A 190 44.75 -6.59 38.28
CA MET A 190 45.07 -7.27 39.52
C MET A 190 46.49 -7.81 39.49
N GLN A 191 47.09 -7.92 38.31
CA GLN A 191 48.54 -8.14 38.24
C GLN A 191 49.29 -6.90 38.71
N LEU A 192 48.87 -5.71 38.28
CA LEU A 192 49.56 -4.49 38.65
C LEU A 192 49.36 -4.17 40.13
N VAL A 193 48.12 -4.25 40.61
CA VAL A 193 47.81 -3.85 41.99
C VAL A 193 47.95 -5.05 42.92
N PRO A 194 48.13 -4.83 44.22
CA PRO A 194 48.11 -5.95 45.16
C PRO A 194 46.76 -6.65 45.15
N PRO A 195 46.74 -7.97 45.33
CA PRO A 195 45.45 -8.68 45.36
C PRO A 195 44.51 -8.19 46.45
N ALA A 196 45.05 -7.68 47.55
CA ALA A 196 44.21 -7.16 48.62
C ALA A 196 43.42 -5.95 48.16
N VAL A 197 44.05 -5.07 47.38
CA VAL A 197 43.35 -3.89 46.87
C VAL A 197 42.20 -4.30 45.96
N GLY A 198 42.45 -5.24 45.04
CA GLY A 198 41.39 -5.72 44.17
C GLY A 198 40.29 -6.42 44.95
N ALA A 199 40.66 -7.14 46.01
CA ALA A 199 39.66 -7.80 46.84
C ALA A 199 38.78 -6.79 47.56
N ASP A 200 39.38 -5.71 48.08
CA ASP A 200 38.59 -4.66 48.71
C ASP A 200 37.68 -3.97 47.70
N ILE A 201 38.18 -3.79 46.47
CA ILE A 201 37.35 -3.24 45.40
C ILE A 201 36.18 -4.16 45.12
N MET A 202 36.42 -5.48 45.12
CA MET A 202 35.34 -6.44 45.01
C MET A 202 34.31 -6.24 46.11
N ARG A 203 34.78 -6.16 47.36
CA ARG A 203 33.88 -6.17 48.51
C ARG A 203 33.04 -4.91 48.59
N LEU A 204 33.68 -3.75 48.44
CA LEU A 204 32.97 -2.49 48.64
C LEU A 204 31.94 -2.24 47.55
N PHE A 205 32.27 -2.60 46.32
CA PHE A 205 31.36 -2.42 45.18
C PHE A 205 31.70 -3.45 44.10
N PRO A 206 30.95 -4.55 44.04
CA PRO A 206 31.28 -5.58 43.04
C PRO A 206 31.06 -5.15 41.61
N GLU A 207 29.88 -4.60 41.30
CA GLU A 207 29.59 -4.24 39.92
C GLU A 207 30.28 -2.95 39.51
N LYS A 208 30.45 -2.01 40.44
CA LYS A 208 31.21 -0.81 40.12
C LYS A 208 32.69 -1.12 39.95
N SER A 209 33.13 -2.29 40.42
CA SER A 209 34.52 -2.69 40.27
C SER A 209 34.90 -2.82 38.81
N ALA A 210 34.01 -3.37 37.99
CA ALA A 210 34.31 -3.56 36.58
C ALA A 210 34.62 -2.23 35.90
N ALA A 211 33.78 -1.22 36.15
CA ALA A 211 33.98 0.08 35.52
C ALA A 211 35.30 0.71 35.94
N LEU A 212 35.59 0.68 37.24
CA LEU A 212 36.81 1.34 37.74
C LEU A 212 38.05 0.61 37.26
N MET A 213 38.01 -0.72 37.23
CA MET A 213 39.17 -1.46 36.73
C MET A 213 39.35 -1.25 35.23
N TYR A 214 38.24 -1.09 34.49
CA TYR A 214 38.37 -0.73 33.08
C TYR A 214 39.04 0.63 32.92
N HIS A 215 38.62 1.60 33.73
CA HIS A 215 39.26 2.91 33.69
C HIS A 215 40.75 2.82 34.00
N LEU A 216 41.11 2.07 35.04
CA LEU A 216 42.49 2.04 35.49
C LEU A 216 43.38 1.23 34.56
N GLY A 217 42.89 0.10 34.05
CA GLY A 217 43.66 -0.65 33.07
C GLY A 217 43.80 0.08 31.75
N ALA A 218 42.71 0.71 31.30
CA ALA A 218 42.78 1.48 30.06
C ALA A 218 43.69 2.69 30.21
N ASN A 219 43.86 3.16 31.44
CA ASN A 219 44.73 4.30 31.75
C ASN A 219 45.67 3.89 32.87
N PRO A 220 46.67 3.07 32.57
CA PRO A 220 47.54 2.54 33.64
C PRO A 220 48.32 3.63 34.37
N GLU A 221 48.56 4.77 33.72
CA GLU A 221 49.26 5.86 34.39
C GLU A 221 48.47 6.38 35.58
N LYS A 222 47.19 6.72 35.38
CA LYS A 222 46.38 7.20 36.48
C LYS A 222 46.17 6.12 37.53
N ALA A 223 46.18 4.85 37.11
CA ALA A 223 46.18 3.77 38.08
C ALA A 223 47.43 3.81 38.94
N ARG A 224 48.58 4.09 38.32
CA ARG A 224 49.82 4.19 39.08
C ARG A 224 49.79 5.34 40.07
N GLN A 225 49.28 6.51 39.63
CA GLN A 225 49.21 7.62 40.57
C GLN A 225 48.23 7.35 41.71
N LEU A 226 47.10 6.70 41.41
CA LEU A 226 46.17 6.35 42.48
C LEU A 226 46.77 5.32 43.44
N LEU A 227 47.58 4.40 42.90
CA LEU A 227 48.27 3.46 43.76
C LEU A 227 49.28 4.16 44.67
N ALA A 228 49.99 5.15 44.12
CA ALA A 228 50.98 5.87 44.93
C ALA A 228 50.32 6.64 46.07
N MET A 229 49.22 7.33 45.78
CA MET A 229 48.54 8.11 46.80
C MET A 229 47.72 7.20 47.72
N ASP A 230 47.48 7.68 48.94
CA ASP A 230 47.09 6.81 50.05
C ASP A 230 45.79 6.05 49.77
N GLY A 231 45.63 4.94 50.49
CA GLY A 231 44.57 4.00 50.16
C GLY A 231 43.17 4.50 50.44
N GLN A 232 42.99 5.22 51.54
CA GLN A 232 41.66 5.71 51.90
C GLN A 232 41.19 6.78 50.90
N SER A 233 42.04 7.75 50.60
CA SER A 233 41.67 8.73 49.58
C SER A 233 41.67 8.09 48.20
N ALA A 234 42.41 6.98 48.04
CA ALA A 234 42.28 6.20 46.80
C ALA A 234 40.86 5.64 46.66
N LEU A 235 40.30 5.13 47.76
CA LEU A 235 38.91 4.69 47.75
C LEU A 235 37.97 5.86 47.48
N ILE A 236 38.28 7.02 48.05
CA ILE A 236 37.48 8.21 47.78
C ILE A 236 37.47 8.52 46.29
N GLU A 237 38.65 8.53 45.66
CA GLU A 237 38.75 8.80 44.23
C GLU A 237 38.04 7.73 43.41
N LEU A 238 38.17 6.47 43.81
CA LEU A 238 37.52 5.39 43.10
C LEU A 238 36.00 5.53 43.16
N THR A 239 35.46 5.84 44.34
CA THR A 239 34.02 6.03 44.46
C THR A 239 33.56 7.24 43.64
N ARG A 240 34.36 8.31 43.65
CA ARG A 240 34.01 9.48 42.84
C ARG A 240 34.02 9.16 41.36
N LEU A 241 34.96 8.34 40.91
CA LEU A 241 35.00 7.95 39.50
C LEU A 241 33.84 7.03 39.14
N SER A 242 33.49 6.11 40.04
CA SER A 242 32.35 5.24 39.79
C SER A 242 31.07 6.05 39.71
N GLU A 243 30.91 7.04 40.61
CA GLU A 243 29.75 7.91 40.55
C GLU A 243 29.80 8.84 39.34
N ARG A 244 31.01 9.07 38.81
CA ARG A 244 31.16 9.93 37.64
C ARG A 244 30.46 9.32 36.43
N LEU A 245 30.48 7.99 36.32
CA LEU A 245 29.82 7.33 35.20
C LEU A 245 28.30 7.41 35.32
N THR A 246 27.79 7.63 36.53
CA THR A 246 26.35 7.76 36.81
C THR A 246 25.58 6.50 36.43
N LEU A 247 24.28 6.50 36.70
CA LEU A 247 23.44 5.34 36.44
C LEU A 247 21.95 5.68 36.53
N LYS A 248 21.13 4.98 35.73
CA LYS A 248 19.69 5.12 35.66
C LYS A 248 19.24 6.58 35.57
N PRO A 249 19.59 7.29 34.49
CA PRO A 249 19.08 8.66 34.32
C PRO A 249 17.76 8.70 33.58
N ARG A 250 16.67 8.40 34.29
CA ARG A 250 15.34 8.30 33.70
C ARG A 250 14.49 9.53 34.01
N GLY A 251 15.09 10.72 33.92
CA GLY A 251 14.42 11.96 34.24
C GLY A 251 13.06 12.15 33.62
N LYS A 252 12.99 12.30 32.29
CA LYS A 252 11.71 12.48 31.63
C LYS A 252 11.86 12.14 30.15
N GLN A 253 10.84 11.48 29.60
CA GLN A 253 10.83 11.08 28.20
C GLN A 253 9.46 11.27 27.57
N ILE A 254 8.72 12.31 27.99
CA ILE A 254 7.34 12.47 27.54
C ILE A 254 7.27 12.97 26.11
N SER A 255 7.79 14.18 25.84
CA SER A 255 7.55 14.82 24.56
C SER A 255 8.56 15.92 24.27
N SER A 256 8.54 16.43 23.03
CA SER A 256 9.37 17.57 22.66
C SER A 256 8.63 18.33 21.57
N ALA A 257 7.92 19.39 21.97
CA ALA A 257 7.19 20.27 21.07
C ALA A 257 6.27 19.49 20.14
N PRO A 258 5.17 18.92 20.64
CA PRO A 258 4.23 18.23 19.75
C PRO A 258 3.58 19.21 18.79
N PRO A 259 3.81 19.05 17.49
CA PRO A 259 3.29 20.02 16.53
C PRO A 259 1.81 19.82 16.23
N ALA A 260 1.27 20.61 15.30
CA ALA A 260 -0.14 20.51 14.93
C ALA A 260 -0.37 19.27 14.07
N ASP A 261 -0.34 18.10 14.69
CA ASP A 261 -0.50 16.83 13.98
C ASP A 261 -1.99 16.51 13.81
N GLN A 262 -2.62 17.23 12.88
CA GLN A 262 -4.05 17.08 12.68
C GLN A 262 -4.34 16.54 11.28
N PRO A 263 -5.31 15.64 11.15
CA PRO A 263 -5.66 15.10 9.83
C PRO A 263 -6.59 16.00 9.05
N ILE A 264 -7.04 15.52 7.89
CA ILE A 264 -7.94 16.29 7.02
C ILE A 264 -9.09 15.39 6.61
N THR A 265 -10.19 15.97 6.15
CA THR A 265 -11.38 15.18 5.83
C THR A 265 -12.24 15.94 4.83
N GLY A 266 -12.82 15.20 3.89
CA GLY A 266 -13.78 15.74 2.95
C GLY A 266 -14.97 14.82 2.75
N ASP A 267 -16.18 15.37 2.67
CA ASP A 267 -17.36 14.53 2.55
C ASP A 267 -17.95 14.59 1.14
N VAL A 268 -17.31 15.36 0.25
CA VAL A 268 -17.54 15.43 -1.19
C VAL A 268 -18.93 15.99 -1.46
N SER A 269 -19.33 16.98 -0.65
CA SER A 269 -20.71 17.50 -0.71
C SER A 269 -21.04 18.10 -2.07
N ALA A 270 -20.12 18.85 -2.68
CA ALA A 270 -20.36 19.34 -4.04
C ALA A 270 -20.46 18.18 -5.02
N ALA A 271 -19.61 17.16 -4.86
CA ALA A 271 -19.76 15.96 -5.65
C ALA A 271 -21.11 15.29 -5.37
N ASN A 272 -21.63 15.44 -4.15
CA ASN A 272 -22.96 14.91 -3.87
C ASN A 272 -24.04 15.71 -4.59
N LYS A 273 -23.86 17.03 -4.73
CA LYS A 273 -24.80 17.83 -5.51
C LYS A 273 -24.81 17.37 -6.96
N ASP A 274 -23.62 17.21 -7.54
CA ASP A 274 -23.52 16.69 -8.90
C ASP A 274 -24.11 15.28 -8.98
N ALA A 275 -23.97 14.51 -7.90
CA ALA A 275 -24.54 13.18 -7.85
C ALA A 275 -26.06 13.24 -7.91
N ILE A 276 -26.66 14.13 -7.13
CA ILE A 276 -28.12 14.29 -7.19
C ILE A 276 -28.54 14.69 -8.59
N ARG A 277 -27.75 15.56 -9.23
CA ARG A 277 -28.03 15.92 -10.61
C ARG A 277 -28.04 14.71 -11.52
N LYS A 278 -27.08 13.80 -11.33
CA LYS A 278 -26.99 12.65 -12.22
C LYS A 278 -28.04 11.58 -11.91
N GLN A 279 -28.45 11.44 -10.65
CA GLN A 279 -29.62 10.57 -10.42
C GLN A 279 -30.86 11.18 -11.04
N MET A 280 -30.96 12.52 -11.02
CA MET A 280 -32.05 13.18 -11.72
C MET A 280 -32.03 12.84 -13.20
N ASP A 281 -30.84 12.91 -13.80
CA ASP A 281 -30.71 12.57 -15.22
C ASP A 281 -31.11 11.12 -15.48
N ALA A 282 -30.67 10.21 -14.61
CA ALA A 282 -31.00 8.80 -14.81
C ALA A 282 -32.50 8.56 -14.67
N ALA A 283 -33.13 9.16 -13.66
CA ALA A 283 -34.56 8.99 -13.45
C ALA A 283 -35.36 9.59 -14.60
N ALA A 284 -34.82 10.64 -15.22
CA ALA A 284 -35.46 11.22 -16.41
C ALA A 284 -35.56 10.17 -17.51
N SER A 285 -34.50 9.39 -17.70
CA SER A 285 -34.45 8.38 -18.74
C SER A 285 -35.51 7.31 -18.54
N LYS A 286 -35.65 6.82 -17.31
CA LYS A 286 -36.56 5.73 -17.02
C LYS A 286 -37.99 6.19 -16.76
N GLY A 287 -38.23 7.50 -16.76
CA GLY A 287 -39.57 7.99 -16.51
C GLY A 287 -40.05 7.83 -15.09
N ASP A 288 -39.15 7.64 -14.14
CA ASP A 288 -39.51 7.53 -12.73
C ASP A 288 -39.82 8.95 -12.25
N VAL A 289 -41.09 9.35 -12.44
CA VAL A 289 -41.46 10.74 -12.23
C VAL A 289 -41.33 11.14 -10.77
N GLU A 290 -41.77 10.29 -9.83
CA GLU A 290 -41.73 10.70 -8.43
C GLU A 290 -40.30 10.87 -7.93
N THR A 291 -39.42 9.93 -8.28
CA THR A 291 -38.02 10.08 -7.91
C THR A 291 -37.39 11.26 -8.65
N TYR A 292 -37.81 11.49 -9.89
CA TYR A 292 -37.30 12.62 -10.65
C TYR A 292 -37.64 13.94 -9.94
N ARG A 293 -38.88 14.09 -9.49
CA ARG A 293 -39.29 15.33 -8.85
C ARG A 293 -38.66 15.47 -7.47
N LYS A 294 -38.52 14.37 -6.71
CA LYS A 294 -37.87 14.50 -5.41
C LYS A 294 -36.40 14.86 -5.58
N LEU A 295 -35.74 14.31 -6.61
CA LEU A 295 -34.36 14.70 -6.90
C LEU A 295 -34.27 16.15 -7.32
N LYS A 296 -35.24 16.63 -8.10
CA LYS A 296 -35.26 18.05 -8.46
C LYS A 296 -35.37 18.93 -7.23
N ALA A 297 -36.26 18.55 -6.30
CA ALA A 297 -36.41 19.31 -5.07
C ALA A 297 -35.13 19.31 -4.26
N LYS A 298 -34.48 18.15 -4.16
CA LYS A 298 -33.22 18.08 -3.41
C LYS A 298 -32.14 18.93 -4.07
N LEU A 299 -32.09 18.93 -5.40
CA LEU A 299 -31.13 19.78 -6.10
C LEU A 299 -31.39 21.26 -5.83
N LYS A 300 -32.65 21.68 -5.95
CA LYS A 300 -32.98 23.09 -5.77
C LYS A 300 -32.85 23.52 -4.31
N GLY A 301 -32.89 22.57 -3.37
CA GLY A 301 -32.76 22.93 -1.96
C GLY A 301 -31.34 23.24 -1.51
N ILE A 302 -30.35 22.86 -2.30
CA ILE A 302 -28.94 23.02 -1.88
C ILE A 302 -28.37 24.17 -2.71
N ARG A 303 -27.75 25.11 -2.02
CA ARG A 303 -27.17 26.28 -2.67
C ARG A 303 -25.65 26.31 -2.45
N ASN B 6 -35.21 7.57 17.74
CA ASN B 6 -34.53 8.65 17.02
C ASN B 6 -33.34 8.11 16.24
N ARG B 7 -32.83 6.96 16.68
CA ARG B 7 -31.66 6.37 16.04
C ARG B 7 -32.00 5.89 14.64
N LEU B 8 -33.22 5.39 14.44
CA LEU B 8 -33.58 4.78 13.17
C LEU B 8 -33.48 5.78 12.03
N GLU B 9 -34.03 6.98 12.21
CA GLU B 9 -34.01 7.94 11.11
C GLU B 9 -32.61 8.48 10.84
N SER B 10 -31.79 8.64 11.87
CA SER B 10 -30.40 9.05 11.65
C SER B 10 -29.64 7.99 10.86
N ILE B 11 -29.81 6.72 11.24
CA ILE B 11 -29.17 5.63 10.51
C ILE B 11 -29.64 5.60 9.07
N LEU B 12 -30.96 5.77 8.87
CA LEU B 12 -31.51 5.78 7.53
C LEU B 12 -30.98 6.94 6.71
N SER B 13 -30.84 8.11 7.32
CA SER B 13 -30.30 9.26 6.60
C SER B 13 -28.85 9.02 6.19
N ARG B 14 -28.04 8.47 7.09
CA ARG B 14 -26.66 8.16 6.75
C ARG B 14 -26.57 7.12 5.63
N PHE B 15 -27.40 6.08 5.73
CA PHE B 15 -27.43 5.06 4.68
C PHE B 15 -27.85 5.65 3.35
N ASP B 16 -28.86 6.52 3.37
CA ASP B 16 -29.33 7.15 2.13
C ASP B 16 -28.26 8.05 1.53
N ALA B 17 -27.53 8.78 2.37
CA ALA B 17 -26.46 9.63 1.88
C ALA B 17 -25.37 8.81 1.20
N ASP B 18 -24.93 7.72 1.85
CA ASP B 18 -23.94 6.86 1.24
C ASP B 18 -24.49 6.22 -0.04
N TRP B 19 -25.76 5.82 -0.01
CA TRP B 19 -26.42 5.24 -1.18
C TRP B 19 -26.36 6.18 -2.36
N THR B 20 -26.76 7.43 -2.15
CA THR B 20 -26.71 8.43 -3.22
C THR B 20 -25.29 8.69 -3.67
N ALA B 21 -24.34 8.78 -2.73
CA ALA B 21 -22.97 9.06 -3.10
C ALA B 21 -22.38 7.95 -3.97
N SER B 22 -22.69 6.69 -3.67
CA SER B 22 -22.13 5.56 -4.40
C SER B 22 -23.00 5.08 -5.55
N ASP B 23 -24.17 5.71 -5.76
CA ASP B 23 -25.17 5.14 -6.65
C ASP B 23 -24.66 5.03 -8.08
N GLU B 24 -23.77 5.92 -8.50
CA GLU B 24 -23.28 5.87 -9.88
C GLU B 24 -22.49 4.59 -10.11
N ALA B 25 -21.50 4.34 -9.26
CA ALA B 25 -20.70 3.13 -9.34
C ALA B 25 -21.62 1.94 -9.13
N ARG B 26 -22.66 2.14 -8.32
CA ARG B 26 -23.59 1.03 -8.06
C ARG B 26 -24.32 0.61 -9.32
N ARG B 27 -24.95 1.56 -10.03
CA ARG B 27 -25.70 1.17 -11.22
C ARG B 27 -24.73 0.64 -12.25
N GLU B 28 -23.56 1.26 -12.32
CA GLU B 28 -22.56 0.90 -13.33
C GLU B 28 -22.09 -0.53 -13.10
N ALA B 29 -21.89 -0.92 -11.84
CA ALA B 29 -21.48 -2.28 -11.53
C ALA B 29 -22.61 -3.27 -11.73
N LYS B 30 -23.87 -2.86 -11.48
CA LYS B 30 -24.99 -3.73 -11.82
C LYS B 30 -25.01 -4.01 -13.31
N ASN B 31 -24.81 -2.96 -14.11
CA ASN B 31 -24.70 -3.14 -15.55
C ASN B 31 -23.58 -4.11 -15.89
N ASP B 32 -22.44 -3.95 -15.24
CA ASP B 32 -21.28 -4.79 -15.52
C ASP B 32 -21.55 -6.25 -15.19
N LEU B 33 -22.17 -6.52 -14.04
CA LEU B 33 -22.40 -7.89 -13.63
C LEU B 33 -23.48 -8.55 -14.48
N PHE B 34 -24.54 -7.78 -14.80
CA PHE B 34 -25.53 -8.30 -15.74
C PHE B 34 -24.89 -8.61 -17.08
N PHE B 35 -23.94 -7.79 -17.51
CA PHE B 35 -23.18 -8.08 -18.71
C PHE B 35 -22.41 -9.39 -18.58
N SER B 36 -21.64 -9.55 -17.51
CA SER B 36 -20.69 -10.64 -17.37
C SER B 36 -21.28 -11.88 -16.72
N ARG B 37 -22.51 -11.81 -16.22
CA ARG B 37 -23.10 -12.97 -15.58
C ARG B 37 -24.44 -13.38 -16.16
N VAL B 38 -25.12 -12.52 -16.92
CA VAL B 38 -26.44 -12.87 -17.44
C VAL B 38 -26.45 -12.81 -18.95
N SER B 39 -26.20 -11.62 -19.51
CA SER B 39 -26.30 -11.43 -20.95
C SER B 39 -25.40 -10.29 -21.36
N GLN B 40 -24.78 -10.43 -22.54
CA GLN B 40 -23.83 -9.42 -22.98
C GLN B 40 -24.52 -8.23 -23.65
N TRP B 41 -25.79 -8.37 -24.01
CA TRP B 41 -26.53 -7.34 -24.73
C TRP B 41 -27.41 -6.56 -23.75
N ASP B 42 -27.24 -5.25 -23.72
CA ASP B 42 -28.06 -4.40 -22.86
C ASP B 42 -29.30 -3.91 -23.58
N ASP B 43 -30.16 -3.17 -22.87
CA ASP B 43 -31.31 -2.55 -23.49
C ASP B 43 -30.89 -1.45 -24.45
N TRP B 44 -29.75 -0.80 -24.17
CA TRP B 44 -29.31 0.31 -24.99
C TRP B 44 -29.07 -0.12 -26.42
N LEU B 45 -28.37 -1.24 -26.61
CA LEU B 45 -28.23 -1.77 -27.96
C LEU B 45 -29.52 -2.40 -28.42
N SER B 46 -30.33 -2.93 -27.50
CA SER B 46 -31.57 -3.58 -27.88
C SER B 46 -32.52 -2.61 -28.58
N GLN B 47 -32.60 -1.38 -28.11
CA GLN B 47 -33.37 -0.37 -28.82
C GLN B 47 -32.64 0.15 -30.05
N TYR B 48 -31.30 0.21 -29.99
CA TYR B 48 -30.52 0.68 -31.13
C TYR B 48 -29.91 -0.53 -31.83
N THR B 49 -30.76 -1.25 -32.55
CA THR B 49 -30.36 -2.41 -33.35
C THR B 49 -31.51 -2.74 -34.30
N THR B 50 -31.18 -3.53 -35.32
CA THR B 50 -32.15 -3.88 -36.34
C THR B 50 -32.15 -5.36 -36.72
N LEU B 51 -31.11 -6.11 -36.35
CA LEU B 51 -31.03 -7.51 -36.72
C LEU B 51 -32.07 -8.32 -35.95
N GLN B 52 -32.46 -9.47 -36.52
CA GLN B 52 -33.57 -10.25 -35.98
C GLN B 52 -33.12 -11.46 -35.18
N TYR B 53 -32.38 -12.39 -35.78
CA TYR B 53 -31.88 -13.57 -35.07
C TYR B 53 -30.68 -13.14 -34.24
N ARG B 54 -30.85 -13.25 -32.92
CA ARG B 54 -29.91 -12.67 -31.97
C ARG B 54 -29.11 -13.77 -31.29
N GLY B 55 -27.77 -13.67 -31.36
CA GLY B 55 -26.89 -14.60 -30.70
C GLY B 55 -25.62 -13.91 -30.20
N GLN B 56 -25.22 -14.29 -28.98
CA GLN B 56 -24.03 -13.72 -28.33
C GLN B 56 -22.99 -14.83 -28.19
N PHE B 57 -21.88 -14.69 -28.90
CA PHE B 57 -20.75 -15.61 -28.75
C PHE B 57 -19.57 -14.87 -28.12
N ASP B 58 -19.53 -14.91 -26.79
CA ASP B 58 -18.54 -14.16 -26.02
C ASP B 58 -17.19 -14.85 -26.02
N VAL B 59 -16.13 -14.06 -25.88
CA VAL B 59 -14.77 -14.57 -25.73
C VAL B 59 -14.10 -13.92 -24.52
N VAL B 60 -14.88 -13.18 -23.72
CA VAL B 60 -14.33 -12.56 -22.52
C VAL B 60 -14.04 -13.60 -21.46
N ARG B 61 -14.92 -14.61 -21.33
CA ARG B 61 -14.73 -15.61 -20.29
C ARG B 61 -13.39 -16.34 -20.34
N PRO B 62 -12.83 -16.72 -21.51
CA PRO B 62 -11.45 -17.23 -21.48
C PRO B 62 -10.47 -16.23 -20.92
N VAL B 63 -10.66 -14.95 -21.23
CA VAL B 63 -9.77 -13.91 -20.72
C VAL B 63 -9.85 -13.83 -19.21
N VAL B 64 -11.05 -13.85 -18.65
CA VAL B 64 -11.16 -13.76 -17.20
C VAL B 64 -10.64 -15.03 -16.55
N ARG B 65 -10.77 -16.17 -17.23
CA ARG B 65 -10.20 -17.40 -16.69
C ARG B 65 -8.68 -17.34 -16.64
N LYS B 66 -8.05 -16.84 -17.71
CA LYS B 66 -6.59 -16.74 -17.69
C LYS B 66 -6.14 -15.71 -16.65
N LEU B 67 -6.88 -14.61 -16.50
CA LEU B 67 -6.56 -13.65 -15.45
C LEU B 67 -6.63 -14.28 -14.07
N VAL B 68 -7.73 -14.97 -13.76
CA VAL B 68 -7.86 -15.54 -12.42
C VAL B 68 -6.82 -16.62 -12.20
N SER B 69 -6.43 -17.32 -13.27
CA SER B 69 -5.28 -18.21 -13.17
C SER B 69 -4.01 -17.45 -12.82
N GLU B 70 -3.84 -16.26 -13.42
CA GLU B 70 -2.68 -15.44 -13.11
C GLU B 70 -2.66 -15.05 -11.65
N MET B 71 -3.82 -14.66 -11.10
CA MET B 71 -3.88 -14.36 -9.68
C MET B 71 -3.71 -15.62 -8.82
N ARG B 72 -4.05 -16.78 -9.37
CA ARG B 72 -3.85 -18.03 -8.62
C ARG B 72 -2.38 -18.41 -8.54
N GLN B 73 -1.62 -18.22 -9.61
CA GLN B 73 -0.25 -18.71 -9.68
C GLN B 73 0.72 -17.89 -8.85
N ASN B 74 0.28 -16.79 -8.24
CA ASN B 74 1.14 -15.95 -7.41
C ASN B 74 0.50 -15.76 -6.04
N PRO B 75 0.71 -16.72 -5.14
CA PRO B 75 0.11 -16.62 -3.80
C PRO B 75 0.64 -15.42 -3.04
N ILE B 76 -0.22 -14.87 -2.18
CA ILE B 76 0.11 -13.71 -1.36
C ILE B 76 0.06 -14.11 0.10
N ASP B 77 1.13 -13.80 0.83
CA ASP B 77 1.24 -14.14 2.24
C ASP B 77 1.33 -12.86 3.08
N VAL B 78 0.75 -12.94 4.28
CA VAL B 78 0.67 -11.81 5.19
C VAL B 78 1.52 -12.12 6.42
N LEU B 79 2.37 -11.17 6.79
CA LEU B 79 3.24 -11.30 7.94
C LEU B 79 2.76 -10.39 9.06
N TYR B 80 3.37 -10.55 10.23
CA TYR B 80 2.89 -9.88 11.44
C TYR B 80 4.09 -9.28 12.15
N ARG B 81 4.19 -7.96 12.16
CA ARG B 81 5.33 -7.31 12.78
C ARG B 81 5.20 -7.33 14.29
N PRO B 82 6.13 -7.93 15.02
CA PRO B 82 6.04 -7.94 16.49
C PRO B 82 6.31 -6.56 17.05
N LYS B 83 5.26 -5.92 17.55
CA LYS B 83 5.35 -4.57 18.08
C LYS B 83 5.26 -4.61 19.60
N ASP B 84 5.44 -3.43 20.20
CA ASP B 84 5.41 -3.25 21.64
C ASP B 84 6.48 -4.10 22.32
N GLY B 85 7.58 -4.33 21.60
CA GLY B 85 8.65 -5.15 22.11
C GLY B 85 8.28 -6.59 22.38
N ALA B 86 7.15 -7.05 21.86
CA ALA B 86 6.75 -8.43 22.07
C ALA B 86 7.64 -9.37 21.27
N ARG B 87 7.75 -10.61 21.75
CA ARG B 87 8.68 -11.56 21.16
C ARG B 87 8.27 -11.88 19.73
N PRO B 88 9.23 -12.16 18.85
CA PRO B 88 8.89 -12.54 17.47
C PRO B 88 8.13 -13.86 17.40
N ASP B 89 8.30 -14.75 18.37
CA ASP B 89 7.67 -16.05 18.28
C ASP B 89 6.15 -15.97 18.35
N ALA B 90 5.62 -15.02 19.12
CA ALA B 90 4.17 -14.84 19.13
C ALA B 90 3.68 -14.41 17.76
N ALA B 91 4.43 -13.55 17.07
CA ALA B 91 4.10 -13.19 15.70
C ALA B 91 4.18 -14.40 14.78
N ASP B 92 5.18 -15.27 15.00
CA ASP B 92 5.28 -16.48 14.22
C ASP B 92 4.03 -17.34 14.40
N VAL B 93 3.60 -17.49 15.65
CA VAL B 93 2.41 -18.27 15.95
C VAL B 93 1.18 -17.64 15.30
N LEU B 94 1.09 -16.31 15.33
CA LEU B 94 -0.03 -15.62 14.71
C LEU B 94 -0.06 -15.85 13.21
N MET B 95 1.11 -15.81 12.57
CA MET B 95 1.18 -16.17 11.16
C MET B 95 0.76 -17.61 10.95
N GLY B 96 1.07 -18.47 11.91
CA GLY B 96 0.63 -19.85 11.82
C GLY B 96 -0.88 -19.99 11.82
N MET B 97 -1.56 -19.28 12.73
CA MET B 97 -3.02 -19.29 12.69
C MET B 97 -3.54 -18.66 11.41
N TYR B 98 -2.91 -17.59 10.95
CA TYR B 98 -3.37 -16.97 9.71
C TYR B 98 -3.29 -17.95 8.55
N ARG B 99 -2.16 -18.67 8.44
CA ARG B 99 -2.02 -19.67 7.39
C ARG B 99 -3.02 -20.81 7.55
N THR B 100 -3.20 -21.31 8.78
CA THR B 100 -4.13 -22.42 8.98
C THR B 100 -5.57 -22.00 8.78
N ASP B 101 -5.84 -20.69 8.79
CA ASP B 101 -7.15 -20.20 8.40
C ASP B 101 -7.24 -19.90 6.91
N MET B 102 -6.12 -19.66 6.25
CA MET B 102 -6.09 -19.54 4.81
C MET B 102 -6.22 -20.87 4.10
N ARG B 103 -5.68 -21.95 4.67
CA ARG B 103 -5.72 -23.24 4.00
C ARG B 103 -7.10 -23.86 4.01
N HIS B 104 -8.04 -23.32 4.77
CA HIS B 104 -9.37 -23.90 4.80
C HIS B 104 -10.10 -23.61 3.49
N ASN B 105 -11.00 -24.52 3.11
CA ASN B 105 -11.66 -24.44 1.80
C ASN B 105 -12.47 -23.17 1.65
N THR B 106 -13.21 -22.79 2.69
CA THR B 106 -14.02 -21.58 2.62
C THR B 106 -13.18 -20.35 2.37
N ALA B 107 -11.93 -20.36 2.84
CA ALA B 107 -11.03 -19.27 2.54
C ALA B 107 -10.83 -19.11 1.04
N LYS B 108 -10.53 -20.20 0.34
CA LYS B 108 -10.41 -20.11 -1.11
C LYS B 108 -11.74 -19.72 -1.74
N ILE B 109 -12.84 -20.26 -1.22
CA ILE B 109 -14.15 -19.92 -1.79
C ILE B 109 -14.34 -18.41 -1.78
N ALA B 110 -14.15 -17.80 -0.62
CA ALA B 110 -14.35 -16.36 -0.49
C ALA B 110 -13.35 -15.60 -1.36
N VAL B 111 -12.08 -16.00 -1.31
CA VAL B 111 -11.06 -15.28 -2.05
C VAL B 111 -11.36 -15.32 -3.54
N ASN B 112 -11.65 -16.50 -4.08
CA ASN B 112 -11.90 -16.62 -5.51
C ASN B 112 -13.15 -15.87 -5.93
N ILE B 113 -14.24 -15.98 -5.16
CA ILE B 113 -15.45 -15.25 -5.53
C ILE B 113 -15.18 -13.75 -5.55
N ALA B 114 -14.55 -13.25 -4.49
CA ALA B 114 -14.32 -11.81 -4.40
C ALA B 114 -13.38 -11.33 -5.50
N VAL B 115 -12.32 -12.08 -5.80
CA VAL B 115 -11.38 -11.63 -6.81
C VAL B 115 -12.02 -11.69 -8.19
N ARG B 116 -12.84 -12.71 -8.45
CA ARG B 116 -13.52 -12.78 -9.75
C ARG B 116 -14.48 -11.62 -9.91
N GLU B 117 -15.22 -11.29 -8.85
CA GLU B 117 -16.09 -10.12 -8.92
C GLU B 117 -15.30 -8.84 -9.08
N GLN B 118 -14.13 -8.74 -8.46
CA GLN B 118 -13.25 -7.59 -8.63
C GLN B 118 -12.80 -7.47 -10.07
N ILE B 119 -12.43 -8.59 -10.69
CA ILE B 119 -12.01 -8.55 -12.08
C ILE B 119 -13.16 -8.09 -12.96
N GLU B 120 -14.36 -8.63 -12.74
CA GLU B 120 -15.49 -8.17 -13.54
C GLU B 120 -16.00 -6.82 -13.05
N ALA B 121 -16.38 -6.72 -11.79
CA ALA B 121 -16.95 -5.47 -11.29
C ALA B 121 -15.87 -4.56 -10.72
N GLY B 122 -15.13 -5.05 -9.72
CA GLY B 122 -14.13 -4.23 -9.07
C GLY B 122 -14.13 -4.43 -7.57
N VAL B 123 -15.26 -4.87 -7.01
CA VAL B 123 -15.39 -5.06 -5.57
C VAL B 123 -16.06 -6.40 -5.31
N GLY B 124 -15.39 -7.25 -4.55
CA GLY B 124 -15.98 -8.52 -4.13
C GLY B 124 -16.16 -8.61 -2.63
N ALA B 125 -15.23 -8.02 -1.87
CA ALA B 125 -15.43 -7.67 -0.47
C ALA B 125 -16.06 -8.75 0.39
N TRP B 126 -15.34 -9.84 0.67
CA TRP B 126 -15.91 -10.84 1.56
C TRP B 126 -16.00 -10.26 2.98
N ARG B 127 -16.64 -11.01 3.87
CA ARG B 127 -16.79 -10.56 5.26
C ARG B 127 -16.31 -11.64 6.21
N LEU B 128 -15.57 -11.22 7.23
CA LEU B 128 -15.14 -12.08 8.32
C LEU B 128 -16.34 -12.54 9.13
N VAL B 129 -16.27 -13.78 9.61
CA VAL B 129 -17.29 -14.31 10.52
C VAL B 129 -16.58 -15.11 11.61
N THR B 130 -17.23 -15.23 12.76
CA THR B 130 -16.72 -16.03 13.87
C THR B 130 -17.84 -16.94 14.37
N ASP B 131 -17.46 -18.08 14.93
CA ASP B 131 -18.46 -19.07 15.30
C ASP B 131 -17.91 -20.00 16.36
N TYR B 132 -18.83 -20.72 17.02
CA TYR B 132 -18.47 -21.73 17.99
C TYR B 132 -18.04 -23.02 17.27
N GLU B 133 -17.03 -23.67 17.83
CA GLU B 133 -16.52 -24.95 17.35
C GLU B 133 -16.50 -25.94 18.49
N ASP B 134 -16.43 -27.23 18.13
CA ASP B 134 -16.53 -28.33 19.10
C ASP B 134 -17.80 -28.15 19.94
N GLN B 135 -18.93 -28.29 19.24
CA GLN B 135 -20.22 -27.88 19.78
C GLN B 135 -20.55 -28.67 21.04
N SER B 136 -20.45 -27.99 22.18
CA SER B 136 -20.67 -28.57 23.50
C SER B 136 -20.79 -27.43 24.50
N PRO B 137 -21.67 -27.54 25.50
CA PRO B 137 -21.81 -26.45 26.48
C PRO B 137 -20.57 -26.22 27.33
N THR B 138 -19.64 -27.17 27.36
CA THR B 138 -18.47 -27.03 28.22
C THR B 138 -17.55 -25.90 27.74
N SER B 139 -17.30 -25.85 26.43
CA SER B 139 -16.34 -24.92 25.87
C SER B 139 -17.05 -23.70 25.28
N ASN B 140 -16.27 -22.63 25.11
CA ASN B 140 -16.77 -21.39 24.49
C ASN B 140 -15.75 -20.86 23.50
N ASN B 141 -14.82 -21.71 23.07
CA ASN B 141 -13.81 -21.29 22.10
C ASN B 141 -14.47 -20.94 20.77
N GLN B 142 -13.94 -19.92 20.10
CA GLN B 142 -14.47 -19.48 18.83
C GLN B 142 -13.39 -19.48 17.77
N VAL B 143 -13.80 -19.80 16.54
CA VAL B 143 -12.94 -19.71 15.37
C VAL B 143 -13.38 -18.51 14.54
N ILE B 144 -12.59 -18.20 13.53
CA ILE B 144 -12.80 -17.00 12.70
C ILE B 144 -12.77 -17.44 11.25
N ARG B 145 -13.87 -17.22 10.53
CA ARG B 145 -13.98 -17.55 9.12
C ARG B 145 -14.32 -16.29 8.33
N ARG B 146 -14.40 -16.45 7.01
CA ARG B 146 -14.69 -15.35 6.10
C ARG B 146 -15.84 -15.76 5.17
N GLU B 147 -16.82 -14.88 5.05
CA GLU B 147 -17.99 -15.19 4.22
C GLU B 147 -18.02 -14.26 3.02
N PRO B 148 -17.94 -14.79 1.80
CA PRO B 148 -17.99 -13.94 0.61
C PRO B 148 -19.39 -13.43 0.35
N ILE B 149 -19.47 -12.28 -0.31
CA ILE B 149 -20.73 -11.63 -0.63
C ILE B 149 -20.88 -11.58 -2.13
N HIS B 150 -21.85 -12.32 -2.66
CA HIS B 150 -22.16 -12.28 -4.08
C HIS B 150 -22.79 -10.95 -4.43
N SER B 151 -22.34 -10.36 -5.53
CA SER B 151 -22.76 -9.03 -5.97
C SER B 151 -22.65 -8.03 -4.81
N ALA B 152 -21.47 -8.03 -4.18
CA ALA B 152 -21.22 -7.18 -3.03
C ALA B 152 -21.47 -5.71 -3.34
N CYS B 153 -21.24 -5.28 -4.57
CA CYS B 153 -21.60 -3.93 -4.99
C CYS B 153 -23.08 -3.65 -4.85
N SER B 154 -23.92 -4.70 -4.82
CA SER B 154 -25.35 -4.54 -4.62
C SER B 154 -25.77 -4.63 -3.17
N HIS B 155 -24.94 -5.16 -2.27
CA HIS B 155 -25.32 -5.38 -0.90
C HIS B 155 -24.29 -4.89 0.10
N VAL B 156 -23.27 -4.17 -0.35
CA VAL B 156 -22.30 -3.54 0.53
C VAL B 156 -22.33 -2.05 0.26
N ILE B 157 -22.58 -1.27 1.31
CA ILE B 157 -22.67 0.18 1.19
C ILE B 157 -21.64 0.76 2.14
N TRP B 158 -20.56 1.28 1.59
CA TRP B 158 -19.51 1.88 2.38
C TRP B 158 -19.86 3.31 2.75
N ASP B 159 -19.28 3.79 3.85
CA ASP B 159 -19.44 5.18 4.23
C ASP B 159 -18.84 6.10 3.16
N SER B 160 -19.61 7.12 2.77
CA SER B 160 -19.15 8.02 1.71
C SER B 160 -17.99 8.88 2.17
N ASN B 161 -17.91 9.20 3.46
CA ASN B 161 -16.84 10.05 3.96
C ASN B 161 -15.47 9.39 3.88
N SER B 162 -15.40 8.08 4.05
CA SER B 162 -14.12 7.39 4.03
C SER B 162 -13.48 7.44 2.65
N LYS B 163 -12.17 7.72 2.63
CA LYS B 163 -11.42 7.91 1.39
C LYS B 163 -10.21 6.99 1.36
N LEU B 164 -10.42 5.69 1.62
CA LEU B 164 -9.31 4.78 1.83
C LEU B 164 -9.40 3.60 0.87
N MET B 165 -8.23 3.02 0.56
CA MET B 165 -8.21 1.72 -0.08
C MET B 165 -8.99 0.69 0.72
N ASP B 166 -8.70 0.59 2.02
CA ASP B 166 -9.36 -0.39 2.87
C ASP B 166 -10.75 0.04 3.30
N LYS B 167 -11.11 1.31 3.05
CA LYS B 167 -12.32 1.90 3.62
C LYS B 167 -12.31 1.82 5.14
N SER B 168 -11.13 1.64 5.73
CA SER B 168 -11.04 1.58 7.19
C SER B 168 -11.26 2.96 7.79
N ASP B 169 -11.24 4.01 6.96
CA ASP B 169 -11.61 5.33 7.42
C ASP B 169 -13.09 5.39 7.80
N ALA B 170 -13.88 4.46 7.28
CA ALA B 170 -15.31 4.46 7.55
C ALA B 170 -15.60 4.11 9.01
N ARG B 171 -16.55 4.82 9.60
CA ARG B 171 -17.03 4.54 10.94
C ARG B 171 -18.27 3.65 10.94
N HIS B 172 -18.77 3.28 9.76
CA HIS B 172 -20.00 2.52 9.65
C HIS B 172 -20.14 2.01 8.22
N CYS B 173 -20.98 0.99 8.06
CA CYS B 173 -21.26 0.42 6.75
C CYS B 173 -22.51 -0.44 6.85
N THR B 174 -23.31 -0.47 5.80
CA THR B 174 -24.53 -1.27 5.80
C THR B 174 -24.40 -2.45 4.84
N VAL B 175 -25.13 -3.52 5.17
CA VAL B 175 -25.18 -4.71 4.31
C VAL B 175 -26.63 -5.13 4.16
N ILE B 176 -27.23 -4.81 3.01
CA ILE B 176 -28.63 -5.13 2.77
C ILE B 176 -28.78 -6.63 2.54
N HIS B 177 -30.01 -7.14 2.75
CA HIS B 177 -30.33 -8.55 2.56
C HIS B 177 -31.78 -8.65 2.10
N SER B 178 -31.97 -8.78 0.80
CA SER B 178 -33.31 -9.03 0.26
C SER B 178 -33.69 -10.48 0.51
N MET B 179 -34.54 -10.70 1.50
CA MET B 179 -34.83 -12.03 2.00
C MET B 179 -36.25 -12.45 1.63
N SER B 180 -36.40 -13.74 1.32
CA SER B 180 -37.72 -14.31 1.16
C SER B 180 -38.37 -14.52 2.53
N GLN B 181 -39.59 -15.06 2.51
CA GLN B 181 -40.29 -15.33 3.77
C GLN B 181 -39.47 -16.26 4.64
N ASN B 182 -39.10 -17.42 4.09
CA ASN B 182 -38.19 -18.33 4.81
C ASN B 182 -36.83 -17.66 5.00
N GLY B 183 -36.40 -16.86 4.02
CA GLY B 183 -35.17 -16.11 4.18
C GLY B 183 -35.22 -15.16 5.36
N TRP B 184 -36.31 -14.40 5.48
CA TRP B 184 -36.46 -13.53 6.65
C TRP B 184 -36.46 -14.36 7.92
N GLU B 185 -37.21 -15.46 7.92
CA GLU B 185 -37.33 -16.30 9.12
C GLU B 185 -35.96 -16.75 9.60
N ASP B 186 -35.24 -17.52 8.78
CA ASP B 186 -33.98 -18.09 9.25
C ASP B 186 -32.92 -17.02 9.45
N PHE B 187 -32.89 -16.01 8.56
CA PHE B 187 -31.95 -14.91 8.71
C PHE B 187 -32.11 -14.23 10.06
N ALA B 188 -33.34 -13.93 10.45
CA ALA B 188 -33.57 -13.32 11.76
C ALA B 188 -33.22 -14.28 12.88
N GLU B 189 -33.69 -15.53 12.80
CA GLU B 189 -33.60 -16.43 13.94
C GLU B 189 -32.15 -16.77 14.26
N LYS B 190 -31.28 -16.82 13.24
CA LYS B 190 -29.88 -17.14 13.55
C LYS B 190 -29.22 -16.00 14.31
N TYR B 191 -29.85 -14.82 14.34
CA TYR B 191 -29.38 -13.72 15.16
C TYR B 191 -30.41 -13.21 16.14
N ASP B 192 -31.65 -12.96 15.70
CA ASP B 192 -32.59 -12.21 16.51
C ASP B 192 -34.00 -12.78 16.43
N LEU B 193 -34.99 -12.00 16.88
CA LEU B 193 -36.39 -12.37 16.81
C LEU B 193 -36.87 -12.34 15.38
N ASP B 194 -37.92 -13.11 15.10
CA ASP B 194 -38.40 -13.32 13.73
C ASP B 194 -39.64 -12.51 13.38
N ALA B 195 -40.07 -11.58 14.23
CA ALA B 195 -41.20 -10.74 13.88
C ALA B 195 -40.86 -9.92 12.64
N ASP B 196 -41.78 -9.88 11.68
CA ASP B 196 -41.55 -9.28 10.38
C ASP B 196 -42.41 -8.05 10.23
N ASP B 197 -41.86 -7.02 9.60
CA ASP B 197 -42.57 -5.77 9.38
C ASP B 197 -43.63 -5.91 8.28
N ILE B 217 -37.79 -8.76 0.44
CA ILE B 217 -37.86 -8.05 1.71
C ILE B 217 -36.49 -7.50 2.08
N GLN B 218 -36.39 -6.17 2.18
CA GLN B 218 -35.12 -5.48 2.34
C GLN B 218 -34.79 -5.38 3.83
N ILE B 219 -33.84 -6.18 4.28
CA ILE B 219 -33.29 -6.05 5.61
C ILE B 219 -31.79 -5.76 5.49
N ALA B 220 -31.23 -5.09 6.50
CA ALA B 220 -29.86 -4.63 6.44
C ALA B 220 -29.17 -4.83 7.78
N GLU B 221 -27.83 -4.87 7.72
CA GLU B 221 -26.99 -4.94 8.91
C GLU B 221 -26.13 -3.69 8.94
N PHE B 222 -26.53 -2.70 9.73
CA PHE B 222 -25.78 -1.46 9.86
C PHE B 222 -24.63 -1.69 10.83
N TYR B 223 -23.43 -1.87 10.28
CA TYR B 223 -22.24 -1.94 11.10
C TYR B 223 -21.78 -0.51 11.40
N GLU B 224 -21.09 -0.36 12.54
CA GLU B 224 -20.79 0.97 13.03
C GLU B 224 -19.62 0.88 14.01
N VAL B 225 -18.81 1.94 14.04
CA VAL B 225 -17.65 2.03 14.92
C VAL B 225 -17.85 3.26 15.82
N VAL B 226 -17.96 3.03 17.12
CA VAL B 226 -17.96 4.12 18.10
C VAL B 226 -16.52 4.39 18.48
N GLU B 227 -16.22 5.65 18.81
CA GLU B 227 -14.88 6.04 19.20
C GLU B 227 -14.95 7.00 20.36
N LYS B 228 -13.87 7.05 21.13
CA LYS B 228 -13.75 7.88 22.32
C LYS B 228 -12.49 8.72 22.21
N LYS B 229 -12.64 10.01 21.91
CA LYS B 229 -11.52 10.90 21.67
C LYS B 229 -11.47 11.93 22.79
N GLU B 230 -10.28 12.09 23.39
CA GLU B 230 -10.10 13.02 24.50
C GLU B 230 -8.80 13.81 24.33
N THR B 231 -8.37 14.52 25.38
CA THR B 231 -7.17 15.35 25.33
C THR B 231 -6.03 14.81 26.18
N ALA B 232 -6.33 14.33 27.39
CA ALA B 232 -5.43 13.57 28.25
C ALA B 232 -4.31 14.41 28.87
N PHE B 233 -4.14 15.65 28.40
CA PHE B 233 -3.39 16.70 29.08
C PHE B 233 -2.17 16.22 29.88
N ILE B 234 -1.22 15.56 29.22
CA ILE B 234 -0.10 14.97 29.94
C ILE B 234 0.71 16.05 30.65
N TYR B 235 1.14 15.73 31.87
CA TYR B 235 1.88 16.65 32.72
C TYR B 235 3.26 16.09 33.02
N GLN B 236 4.17 16.97 33.43
CA GLN B 236 5.53 16.59 33.77
C GLN B 236 5.90 17.10 35.16
N ASP B 237 6.76 16.35 35.84
CA ASP B 237 7.17 16.66 37.21
C ASP B 237 8.70 16.56 37.33
N PRO B 238 9.28 16.92 38.48
CA PRO B 238 10.70 16.60 38.70
C PRO B 238 10.99 15.12 38.47
N VAL B 239 10.18 14.26 39.09
CA VAL B 239 10.22 12.85 38.72
C VAL B 239 9.56 12.67 37.35
N THR B 240 9.76 11.48 36.77
CA THR B 240 9.23 11.21 35.44
C THR B 240 7.72 11.43 35.40
N GLY B 241 7.26 12.03 34.30
CA GLY B 241 5.88 12.49 34.23
C GLY B 241 4.88 11.42 33.87
N GLU B 242 4.12 10.98 34.87
CA GLU B 242 3.06 10.01 34.65
C GLU B 242 1.85 10.69 34.00
N PRO B 243 0.96 9.91 33.38
CA PRO B 243 -0.27 10.49 32.82
C PRO B 243 -1.08 11.26 33.85
N VAL B 244 -1.33 12.53 33.58
CA VAL B 244 -2.11 13.40 34.46
C VAL B 244 -3.18 14.07 33.62
N SER B 245 -4.32 14.37 34.26
CA SER B 245 -5.40 15.14 33.65
C SER B 245 -5.95 14.45 32.40
N TYR B 246 -6.49 13.25 32.58
CA TYR B 246 -6.97 12.47 31.45
C TYR B 246 -8.13 13.15 30.75
N PHE B 247 -8.96 13.89 31.47
CA PHE B 247 -10.15 14.51 30.90
C PHE B 247 -10.19 15.98 31.28
N LYS B 248 -11.22 16.67 30.76
CA LYS B 248 -11.46 18.06 31.15
C LYS B 248 -11.85 18.18 32.61
N ARG B 249 -12.66 17.25 33.13
CA ARG B 249 -13.01 17.23 34.53
C ARG B 249 -11.80 17.05 35.43
N ASP B 250 -10.81 16.27 34.96
CA ASP B 250 -9.62 16.02 35.75
C ASP B 250 -8.85 17.29 36.06
N ILE B 251 -8.77 18.21 35.10
CA ILE B 251 -8.11 19.49 35.34
C ILE B 251 -8.81 20.25 36.46
N LYS B 252 -10.15 20.29 36.41
CA LYS B 252 -10.91 20.89 37.49
C LYS B 252 -10.79 20.12 38.79
N ASP B 253 -10.31 18.88 38.74
CA ASP B 253 -9.99 18.14 39.95
C ASP B 253 -8.58 18.38 40.45
N VAL B 254 -7.69 18.92 39.61
CA VAL B 254 -6.29 19.10 39.97
C VAL B 254 -5.88 20.56 39.83
N ILE B 255 -6.81 21.48 40.10
CA ILE B 255 -6.55 22.91 39.92
C ILE B 255 -5.32 23.36 40.69
N ASP B 256 -5.12 22.82 41.90
CA ASP B 256 -3.89 23.10 42.62
C ASP B 256 -2.73 22.28 42.10
N ASP B 257 -3.00 21.04 41.67
CA ASP B 257 -1.93 20.17 41.20
C ASP B 257 -1.36 20.64 39.88
N LEU B 258 -2.17 21.28 39.03
CA LEU B 258 -1.64 21.80 37.77
C LEU B 258 -0.70 22.97 38.01
N ALA B 259 -0.92 23.76 39.04
CA ALA B 259 -0.10 24.92 39.31
C ALA B 259 1.12 24.60 40.17
N ASP B 260 1.01 23.67 41.12
CA ASP B 260 2.13 23.37 42.01
C ASP B 260 3.13 22.41 41.40
N SER B 261 2.80 21.79 40.27
CA SER B 261 3.70 20.82 39.66
C SER B 261 4.97 21.52 39.16
N GLY B 262 6.05 20.75 39.11
CA GLY B 262 7.31 21.29 38.61
C GLY B 262 7.20 21.77 37.18
N PHE B 263 6.41 21.08 36.36
CA PHE B 263 6.15 21.47 34.99
C PHE B 263 4.64 21.49 34.76
N ILE B 264 4.16 22.58 34.20
CA ILE B 264 2.72 22.85 34.19
C ILE B 264 2.02 22.13 33.05
N LYS B 265 2.46 22.33 31.81
CA LYS B 265 1.80 21.73 30.66
C LYS B 265 2.83 21.48 29.57
N ILE B 266 2.82 20.29 29.00
CA ILE B 266 3.78 19.89 27.98
C ILE B 266 3.09 19.50 26.68
N ALA B 267 2.07 18.65 26.75
CA ALA B 267 1.44 18.15 25.54
C ALA B 267 -0.02 17.79 25.85
N GLU B 268 -0.79 17.60 24.79
CA GLU B 268 -2.22 17.34 24.84
C GLU B 268 -2.59 16.17 23.93
N ARG B 269 -1.85 15.06 24.08
CA ARG B 269 -2.02 13.90 23.21
C ARG B 269 -3.46 13.39 23.20
N GLN B 270 -4.10 13.46 22.05
CA GLN B 270 -5.50 13.05 21.92
C GLN B 270 -5.56 11.53 21.75
N ILE B 271 -5.45 10.81 22.86
CA ILE B 271 -5.66 9.37 22.83
C ILE B 271 -7.10 9.08 22.44
N LYS B 272 -7.28 8.01 21.67
CA LYS B 272 -8.61 7.62 21.19
C LYS B 272 -8.86 6.15 21.51
N ARG B 273 -10.11 5.85 21.83
CA ARG B 273 -10.58 4.48 22.03
C ARG B 273 -11.77 4.25 21.12
N ARG B 274 -11.69 3.23 20.28
CA ARG B 274 -12.72 2.96 19.28
C ARG B 274 -13.29 1.56 19.47
N ARG B 275 -14.55 1.41 19.09
CA ARG B 275 -15.24 0.13 19.23
C ARG B 275 -16.25 -0.02 18.11
N VAL B 276 -16.26 -1.19 17.47
CA VAL B 276 -17.18 -1.46 16.37
C VAL B 276 -18.47 -2.04 16.94
N TYR B 277 -19.58 -1.80 16.24
CA TYR B 277 -20.88 -2.25 16.70
C TYR B 277 -21.72 -2.65 15.50
N LYS B 278 -22.49 -3.72 15.65
CA LYS B 278 -23.32 -4.24 14.58
C LYS B 278 -24.79 -4.07 14.96
N SER B 279 -25.56 -3.53 14.03
CA SER B 279 -26.98 -3.31 14.24
C SER B 279 -27.79 -3.96 13.14
N ILE B 280 -28.88 -4.62 13.51
CA ILE B 280 -29.79 -5.25 12.57
C ILE B 280 -30.95 -4.28 12.38
N ILE B 281 -31.03 -3.69 11.20
CA ILE B 281 -32.04 -2.69 10.89
C ILE B 281 -32.90 -3.20 9.75
N THR B 282 -34.07 -2.58 9.58
CA THR B 282 -34.93 -2.85 8.45
C THR B 282 -35.39 -1.52 7.85
N CYS B 283 -35.68 -1.57 6.55
CA CYS B 283 -35.99 -0.34 5.81
C CYS B 283 -37.25 0.32 6.33
N THR B 284 -38.33 -0.45 6.49
CA THR B 284 -39.61 0.13 6.91
C THR B 284 -39.67 0.31 8.42
N ALA B 285 -39.57 -0.78 9.16
CA ALA B 285 -39.78 -0.72 10.60
C ALA B 285 -38.50 -0.31 11.32
N VAL B 286 -38.53 -0.42 12.64
CA VAL B 286 -37.42 -0.03 13.50
C VAL B 286 -36.33 -1.08 13.40
N LEU B 287 -35.11 -0.71 13.76
CA LEU B 287 -34.02 -1.67 13.84
C LEU B 287 -34.36 -2.80 14.80
N LYS B 288 -33.92 -4.00 14.46
CA LYS B 288 -34.20 -5.17 15.29
C LYS B 288 -33.10 -5.43 16.32
N ASP B 289 -31.87 -4.99 16.05
CA ASP B 289 -30.79 -5.07 17.02
C ASP B 289 -30.07 -3.73 17.07
N LYS B 290 -29.81 -3.25 18.29
CA LYS B 290 -29.25 -1.91 18.47
C LYS B 290 -27.76 -1.89 18.20
N GLN B 291 -26.99 -2.62 18.99
CA GLN B 291 -25.55 -2.75 18.79
C GLN B 291 -25.13 -4.13 19.24
N LEU B 292 -24.10 -4.67 18.60
CA LEU B 292 -23.67 -6.03 18.90
C LEU B 292 -22.17 -6.06 19.08
N ILE B 293 -21.73 -6.96 19.95
CA ILE B 293 -20.32 -7.15 20.28
C ILE B 293 -19.72 -8.12 19.28
N ALA B 294 -18.78 -7.65 18.47
CA ALA B 294 -18.10 -8.51 17.50
C ALA B 294 -16.74 -7.88 17.19
N GLY B 295 -15.70 -8.42 17.82
CA GLY B 295 -14.34 -8.00 17.53
C GLY B 295 -14.05 -6.54 17.79
N GLU B 296 -13.13 -5.97 17.01
CA GLU B 296 -12.72 -4.59 17.17
C GLU B 296 -12.92 -3.82 15.87
N HIS B 297 -12.63 -4.45 14.74
CA HIS B 297 -12.77 -3.84 13.43
C HIS B 297 -13.93 -4.48 12.68
N ILE B 298 -14.32 -3.84 11.60
CA ILE B 298 -15.42 -4.32 10.76
C ILE B 298 -15.03 -5.64 10.11
N PRO B 299 -15.85 -6.68 10.24
CA PRO B 299 -15.52 -7.95 9.57
C PRO B 299 -15.47 -7.82 8.07
N ILE B 300 -16.16 -6.83 7.50
CA ILE B 300 -16.11 -6.61 6.06
C ILE B 300 -14.76 -6.03 5.67
N VAL B 301 -14.17 -6.58 4.62
CA VAL B 301 -12.95 -6.05 4.02
C VAL B 301 -13.18 -5.95 2.52
N PRO B 302 -12.94 -4.80 1.89
CA PRO B 302 -13.22 -4.67 0.46
C PRO B 302 -12.02 -4.96 -0.42
N VAL B 303 -12.28 -5.33 -1.67
CA VAL B 303 -11.23 -5.47 -2.67
C VAL B 303 -11.59 -4.53 -3.83
N PHE B 304 -10.58 -3.84 -4.35
CA PHE B 304 -10.79 -2.83 -5.36
C PHE B 304 -9.96 -3.13 -6.61
N GLY B 305 -10.47 -2.68 -7.75
CA GLY B 305 -9.67 -2.63 -8.95
C GLY B 305 -8.82 -1.37 -8.94
N GLU B 306 -8.49 -0.82 -10.11
CA GLU B 306 -7.86 0.49 -10.15
C GLU B 306 -8.89 1.53 -9.74
N TRP B 307 -8.73 2.07 -8.52
CA TRP B 307 -9.76 2.81 -7.84
C TRP B 307 -9.22 4.18 -7.42
N GLY B 308 -10.08 5.20 -7.48
CA GLY B 308 -9.66 6.54 -7.13
C GLY B 308 -10.84 7.50 -7.04
N PHE B 309 -10.50 8.77 -6.92
CA PHE B 309 -11.47 9.86 -6.91
C PHE B 309 -11.22 10.79 -8.08
N VAL B 310 -12.28 11.11 -8.82
CA VAL B 310 -12.19 11.94 -10.01
C VAL B 310 -13.26 13.01 -9.86
N GLU B 311 -12.83 14.25 -9.59
CA GLU B 311 -13.71 15.29 -9.04
C GLU B 311 -14.50 14.74 -7.85
N ASP B 312 -13.80 14.07 -6.94
CA ASP B 312 -14.30 13.71 -5.62
C ASP B 312 -15.44 12.69 -5.69
N LYS B 313 -15.27 11.69 -6.56
CA LYS B 313 -16.24 10.60 -6.63
C LYS B 313 -15.49 9.28 -6.66
N GLU B 314 -15.99 8.32 -5.88
CA GLU B 314 -15.37 7.00 -5.83
C GLU B 314 -15.51 6.31 -7.18
N VAL B 315 -14.38 6.10 -7.85
CA VAL B 315 -14.36 5.39 -9.13
C VAL B 315 -13.38 4.22 -8.99
N TYR B 316 -13.84 3.03 -9.37
CA TYR B 316 -13.00 1.85 -9.45
C TYR B 316 -13.36 1.11 -10.74
N GLU B 317 -12.33 0.55 -11.38
CA GLU B 317 -12.51 0.02 -12.73
C GLU B 317 -12.03 -1.42 -12.83
N GLY B 318 -12.61 -2.19 -13.76
CA GLY B 318 -12.22 -3.56 -13.98
C GLY B 318 -11.90 -3.82 -15.43
N VAL B 319 -12.36 -4.95 -15.98
CA VAL B 319 -12.03 -5.30 -17.35
C VAL B 319 -13.31 -5.61 -18.12
N VAL B 320 -14.43 -5.15 -17.59
CA VAL B 320 -15.73 -5.44 -18.20
C VAL B 320 -16.14 -4.41 -19.24
N ARG B 321 -15.87 -3.13 -19.03
CA ARG B 321 -16.40 -2.10 -19.94
C ARG B 321 -15.65 -2.07 -21.26
N LEU B 322 -14.33 -2.16 -21.23
CA LEU B 322 -13.56 -2.02 -22.45
C LEU B 322 -13.69 -3.26 -23.31
N THR B 323 -13.39 -4.42 -22.73
CA THR B 323 -13.69 -5.69 -23.36
C THR B 323 -15.16 -5.81 -23.68
N LYS B 324 -16.02 -5.11 -22.95
CA LYS B 324 -17.45 -5.16 -23.20
C LYS B 324 -17.78 -4.47 -24.51
N ASP B 325 -17.22 -3.28 -24.72
CA ASP B 325 -17.42 -2.59 -26.00
C ASP B 325 -16.89 -3.43 -27.14
N GLY B 326 -15.69 -3.99 -26.96
CA GLY B 326 -15.15 -4.86 -28.00
C GLY B 326 -16.05 -6.05 -28.28
N GLN B 327 -16.58 -6.66 -27.22
CA GLN B 327 -17.48 -7.79 -27.37
C GLN B 327 -18.77 -7.37 -28.05
N ARG B 328 -19.26 -6.18 -27.76
CA ARG B 328 -20.48 -5.70 -28.40
C ARG B 328 -20.26 -5.56 -29.89
N LEU B 329 -19.13 -4.96 -30.27
CA LEU B 329 -18.80 -4.88 -31.69
C LEU B 329 -18.73 -6.26 -32.33
N ARG B 330 -18.01 -7.19 -31.71
CA ARG B 330 -17.82 -8.50 -32.31
C ARG B 330 -19.14 -9.27 -32.39
N ASN B 331 -19.96 -9.19 -31.34
CA ASN B 331 -21.22 -9.91 -31.33
C ASN B 331 -22.19 -9.31 -32.34
N MET B 332 -22.18 -7.99 -32.50
CA MET B 332 -23.11 -7.40 -33.46
C MET B 332 -22.69 -7.72 -34.89
N ILE B 333 -21.37 -7.75 -35.17
CA ILE B 333 -20.96 -8.11 -36.53
C ILE B 333 -21.28 -9.59 -36.79
N MET B 334 -21.04 -10.47 -35.81
CA MET B 334 -21.33 -11.87 -36.06
C MET B 334 -22.82 -12.11 -36.23
N SER B 335 -23.66 -11.41 -35.45
CA SER B 335 -25.10 -11.56 -35.61
C SER B 335 -25.56 -10.98 -36.95
N PHE B 336 -24.92 -9.91 -37.41
CA PHE B 336 -25.20 -9.39 -38.74
C PHE B 336 -24.85 -10.42 -39.81
N ASN B 337 -23.71 -11.08 -39.66
CA ASN B 337 -23.33 -12.13 -40.59
C ASN B 337 -24.31 -13.28 -40.57
N ALA B 338 -24.75 -13.68 -39.37
CA ALA B 338 -25.75 -14.74 -39.26
C ALA B 338 -27.06 -14.35 -39.92
N ASP B 339 -27.49 -13.09 -39.72
CA ASP B 339 -28.67 -12.59 -40.42
C ASP B 339 -28.48 -12.68 -41.92
N ILE B 340 -27.26 -12.42 -42.41
CA ILE B 340 -26.97 -12.65 -43.82
C ILE B 340 -27.19 -14.11 -44.17
N VAL B 341 -26.69 -15.02 -43.32
CA VAL B 341 -26.80 -16.45 -43.60
C VAL B 341 -28.25 -16.91 -43.54
N ALA B 342 -29.00 -16.38 -42.58
CA ALA B 342 -30.35 -16.89 -42.32
C ALA B 342 -31.32 -16.51 -43.42
N ARG B 343 -31.13 -17.06 -44.62
CA ARG B 343 -32.02 -16.81 -45.73
C ARG B 343 -31.81 -17.90 -46.78
N THR B 344 -32.87 -18.19 -47.54
CA THR B 344 -32.78 -19.14 -48.63
C THR B 344 -32.00 -18.54 -49.80
N PRO B 345 -31.01 -19.24 -50.33
CA PRO B 345 -30.22 -18.68 -51.45
C PRO B 345 -31.01 -18.50 -52.73
N LYS B 346 -32.19 -19.12 -52.85
CA LYS B 346 -32.94 -19.07 -54.09
C LYS B 346 -33.43 -17.65 -54.37
N LYS B 347 -33.38 -17.26 -55.64
CA LYS B 347 -33.78 -15.93 -56.06
C LYS B 347 -35.30 -15.78 -56.04
N LYS B 348 -35.76 -14.57 -55.71
CA LYS B 348 -37.18 -14.25 -55.63
C LYS B 348 -37.56 -13.33 -56.78
N PRO B 349 -38.41 -13.77 -57.70
CA PRO B 349 -38.65 -13.01 -58.93
C PRO B 349 -39.73 -11.95 -58.80
N PHE B 350 -39.81 -11.11 -59.83
CA PHE B 350 -40.78 -10.02 -59.94
C PHE B 350 -41.55 -10.18 -61.24
N PHE B 351 -42.88 -10.21 -61.15
CA PHE B 351 -43.74 -10.26 -62.33
C PHE B 351 -45.18 -9.96 -61.93
N TRP B 352 -46.00 -9.70 -62.94
CA TRP B 352 -47.41 -9.40 -62.78
C TRP B 352 -48.19 -10.63 -62.36
N PRO B 353 -49.30 -10.48 -61.64
CA PRO B 353 -50.19 -11.63 -61.41
C PRO B 353 -50.73 -12.19 -62.71
N GLU B 354 -51.00 -11.34 -63.70
CA GLU B 354 -51.43 -11.79 -65.01
C GLU B 354 -50.28 -12.36 -65.84
N GLN B 355 -49.03 -12.09 -65.44
CA GLN B 355 -47.89 -12.62 -66.17
C GLN B 355 -47.74 -14.13 -65.99
N ILE B 356 -48.25 -14.68 -64.88
CA ILE B 356 -48.22 -16.12 -64.66
C ILE B 356 -49.65 -16.61 -64.46
N ALA B 357 -50.60 -15.91 -65.07
CA ALA B 357 -52.01 -16.17 -64.87
C ALA B 357 -52.37 -17.63 -65.12
N GLY B 358 -51.71 -18.25 -66.11
CA GLY B 358 -51.93 -19.65 -66.39
C GLY B 358 -51.02 -20.56 -65.60
N PHE B 359 -49.86 -20.06 -65.19
CA PHE B 359 -48.83 -20.90 -64.56
C PHE B 359 -48.59 -20.43 -63.13
N GLU B 360 -49.35 -21.03 -62.21
CA GLU B 360 -49.12 -20.83 -60.78
C GLU B 360 -48.58 -22.08 -60.09
N HIS B 361 -48.74 -23.26 -60.68
CA HIS B 361 -48.26 -24.50 -60.09
C HIS B 361 -46.76 -24.68 -60.20
N MET B 362 -46.10 -23.95 -61.11
CA MET B 362 -44.66 -24.08 -61.29
C MET B 362 -43.88 -23.27 -60.26
N TYR B 363 -44.19 -21.98 -60.14
CA TYR B 363 -43.43 -21.07 -59.30
C TYR B 363 -43.83 -21.26 -57.84
N ASP B 364 -43.56 -22.47 -57.34
CA ASP B 364 -43.88 -22.82 -55.97
C ASP B 364 -42.71 -23.40 -55.21
N GLY B 365 -41.71 -23.96 -55.89
CA GLY B 365 -40.53 -24.49 -55.23
C GLY B 365 -40.66 -25.94 -54.82
N ASN B 366 -41.86 -26.51 -54.97
CA ASN B 366 -42.09 -27.90 -54.60
C ASN B 366 -41.84 -28.86 -55.75
N ASP B 367 -41.58 -28.38 -56.95
CA ASP B 367 -41.36 -29.22 -58.11
C ASP B 367 -40.24 -28.62 -58.96
N ASP B 368 -39.76 -29.41 -59.92
CA ASP B 368 -38.69 -28.97 -60.81
C ASP B 368 -39.13 -29.25 -62.24
N TYR B 369 -39.45 -28.21 -62.97
CA TYR B 369 -39.95 -28.25 -64.33
C TYR B 369 -38.81 -28.00 -65.32
N PRO B 370 -38.89 -28.60 -66.52
CA PRO B 370 -37.81 -28.43 -67.50
C PRO B 370 -37.62 -26.98 -67.93
N TYR B 371 -38.71 -26.34 -68.36
CA TYR B 371 -38.67 -24.98 -68.86
C TYR B 371 -39.74 -24.14 -68.16
N TYR B 372 -39.49 -22.83 -68.12
CA TYR B 372 -40.38 -21.88 -67.47
C TYR B 372 -41.34 -21.31 -68.51
N LEU B 373 -42.63 -21.47 -68.28
CA LEU B 373 -43.65 -21.01 -69.20
C LEU B 373 -44.23 -19.67 -68.75
N LEU B 374 -44.40 -18.77 -69.70
CA LEU B 374 -44.97 -17.45 -69.44
C LEU B 374 -45.99 -17.13 -70.51
N ASN B 375 -47.01 -16.36 -70.14
CA ASN B 375 -48.04 -15.94 -71.09
C ASN B 375 -47.49 -14.78 -71.93
N ARG B 376 -48.40 -14.09 -72.63
CA ARG B 376 -47.99 -13.02 -73.53
C ARG B 376 -47.24 -11.92 -72.80
N THR B 377 -47.79 -11.46 -71.67
CA THR B 377 -47.16 -10.41 -70.89
C THR B 377 -47.73 -10.36 -69.47
N PRO B 388 -37.97 -12.18 -69.26
CA PRO B 388 -38.35 -10.77 -69.08
C PRO B 388 -39.01 -10.51 -67.73
N LEU B 389 -38.22 -10.54 -66.67
CA LEU B 389 -38.71 -10.33 -65.31
C LEU B 389 -37.52 -9.98 -64.43
N ALA B 390 -37.82 -9.45 -63.25
CA ALA B 390 -36.81 -9.02 -62.30
C ALA B 390 -36.80 -9.94 -61.09
N TYR B 391 -35.74 -9.86 -60.31
CA TYR B 391 -35.58 -10.65 -59.09
C TYR B 391 -35.33 -9.74 -57.89
N TYR B 392 -35.49 -10.31 -56.70
CA TYR B 392 -35.19 -9.62 -55.46
C TYR B 392 -33.72 -9.86 -55.11
N GLU B 393 -33.01 -8.77 -54.83
CA GLU B 393 -31.57 -8.84 -54.53
C GLU B 393 -31.38 -9.29 -53.08
N ASN B 394 -30.90 -10.51 -52.90
CA ASN B 394 -30.59 -11.00 -51.57
C ASN B 394 -29.37 -10.26 -51.02
N PRO B 395 -29.30 -10.09 -49.70
CA PRO B 395 -28.14 -9.43 -49.09
C PRO B 395 -26.87 -10.23 -49.34
N GLU B 396 -25.76 -9.50 -49.42
CA GLU B 396 -24.46 -10.10 -49.67
C GLU B 396 -23.46 -9.64 -48.62
N VAL B 397 -22.45 -10.47 -48.38
CA VAL B 397 -21.39 -10.12 -47.44
C VAL B 397 -20.57 -8.98 -48.02
N PRO B 398 -20.19 -7.96 -47.24
CA PRO B 398 -19.29 -6.92 -47.75
C PRO B 398 -17.87 -7.42 -47.96
N GLN B 399 -17.52 -8.58 -47.40
CA GLN B 399 -16.17 -9.15 -47.42
C GLN B 399 -15.19 -8.28 -46.64
N ALA B 400 -15.62 -7.10 -46.21
CA ALA B 400 -14.83 -6.26 -45.32
C ALA B 400 -15.02 -6.63 -43.86
N ASN B 401 -16.07 -7.39 -43.55
CA ASN B 401 -16.38 -7.76 -42.18
C ASN B 401 -15.24 -8.48 -41.49
N ALA B 402 -14.37 -9.16 -42.25
CA ALA B 402 -13.19 -9.74 -41.65
C ALA B 402 -12.40 -8.69 -40.89
N TYR B 403 -11.95 -7.68 -41.61
CA TYR B 403 -11.20 -6.63 -40.99
C TYR B 403 -11.74 -6.35 -39.62
N MET B 404 -12.92 -5.78 -39.58
CA MET B 404 -13.46 -5.38 -38.29
C MET B 404 -13.58 -6.52 -37.32
N LEU B 405 -13.61 -7.75 -37.83
CA LEU B 405 -13.82 -8.86 -36.94
C LEU B 405 -12.69 -8.97 -35.96
N GLU B 406 -11.49 -8.99 -36.48
CA GLU B 406 -10.35 -9.14 -35.62
C GLU B 406 -10.01 -7.78 -35.13
N ALA B 407 -10.58 -6.79 -35.74
CA ALA B 407 -10.36 -5.47 -35.22
C ALA B 407 -10.85 -5.62 -33.81
N ALA B 408 -12.05 -6.16 -33.71
CA ALA B 408 -12.63 -6.35 -32.41
C ALA B 408 -11.74 -7.26 -31.65
N THR B 409 -11.52 -8.43 -32.23
CA THR B 409 -10.71 -9.40 -31.55
C THR B 409 -9.57 -8.69 -30.86
N SER B 410 -8.68 -8.11 -31.66
CA SER B 410 -7.54 -7.41 -31.08
C SER B 410 -7.97 -6.54 -29.91
N ALA B 411 -9.07 -5.81 -30.05
CA ALA B 411 -9.54 -5.00 -28.93
C ALA B 411 -9.69 -5.86 -27.68
N VAL B 412 -10.51 -6.91 -27.75
CA VAL B 412 -10.84 -7.65 -26.53
C VAL B 412 -9.62 -8.40 -25.99
N LYS B 413 -8.78 -8.96 -26.87
CA LYS B 413 -7.71 -9.77 -26.32
C LYS B 413 -6.37 -9.07 -26.15
N GLU B 414 -6.24 -7.77 -26.42
CA GLU B 414 -5.06 -7.13 -25.82
C GLU B 414 -5.28 -5.72 -25.29
N VAL B 415 -6.47 -5.13 -25.42
CA VAL B 415 -6.76 -3.98 -24.57
C VAL B 415 -6.72 -4.39 -23.11
N ALA B 416 -7.23 -5.60 -22.81
CA ALA B 416 -7.22 -6.10 -21.44
C ALA B 416 -5.80 -6.35 -20.94
N THR B 417 -5.01 -7.11 -21.70
CA THR B 417 -3.71 -7.57 -21.25
C THR B 417 -2.68 -7.39 -22.35
N LEU B 418 -1.42 -7.30 -21.97
CA LEU B 418 -0.27 -7.25 -22.88
C LEU B 418 -0.50 -6.39 -24.13
N ASP B 443 5.03 -7.42 -17.69
CA ASP B 443 3.99 -7.37 -16.67
C ASP B 443 3.90 -8.67 -15.89
N LEU B 444 3.53 -9.74 -16.60
CA LEU B 444 3.33 -11.07 -16.04
C LEU B 444 2.10 -11.11 -15.14
N GLU B 445 1.50 -9.94 -14.90
CA GLU B 445 0.32 -9.81 -14.04
C GLU B 445 -0.15 -8.37 -14.11
N THR B 446 -1.46 -8.17 -13.97
CA THR B 446 -2.04 -6.82 -13.93
C THR B 446 -1.79 -6.25 -12.54
N TYR B 447 -0.70 -5.51 -12.39
CA TYR B 447 -0.14 -5.20 -11.08
C TYR B 447 -1.17 -4.62 -10.13
N VAL B 448 -2.07 -3.79 -10.65
CA VAL B 448 -3.06 -3.13 -9.80
C VAL B 448 -3.95 -4.17 -9.14
N PHE B 449 -4.32 -5.21 -9.87
CA PHE B 449 -5.21 -6.19 -9.28
C PHE B 449 -4.56 -6.89 -8.09
N GLN B 450 -3.35 -7.45 -8.27
CA GLN B 450 -2.80 -8.23 -7.17
C GLN B 450 -2.27 -7.34 -6.05
N ASP B 451 -1.87 -6.10 -6.35
CA ASP B 451 -1.41 -5.28 -5.25
C ASP B 451 -2.59 -4.74 -4.43
N ASN B 452 -3.73 -4.47 -5.09
CA ASN B 452 -4.94 -4.22 -4.35
C ASN B 452 -5.33 -5.45 -3.53
N LEU B 453 -5.13 -6.64 -4.11
CA LEU B 453 -5.35 -7.86 -3.36
C LEU B 453 -4.44 -7.96 -2.16
N ALA B 454 -3.18 -7.54 -2.30
CA ALA B 454 -2.25 -7.56 -1.18
C ALA B 454 -2.68 -6.60 -0.08
N THR B 455 -3.15 -5.41 -0.48
CA THR B 455 -3.71 -4.49 0.50
C THR B 455 -4.91 -5.08 1.21
N ALA B 456 -5.78 -5.76 0.45
CA ALA B 456 -6.92 -6.43 1.07
C ALA B 456 -6.46 -7.53 2.01
N MET B 457 -5.44 -8.29 1.60
CA MET B 457 -4.86 -9.31 2.46
C MET B 457 -4.36 -8.72 3.76
N ARG B 458 -3.61 -7.61 3.70
CA ARG B 458 -3.03 -7.08 4.93
C ARG B 458 -4.13 -6.50 5.82
N ARG B 459 -5.11 -5.82 5.23
CA ARG B 459 -6.22 -5.29 6.03
C ARG B 459 -7.00 -6.42 6.68
N ASP B 460 -7.28 -7.49 5.92
CA ASP B 460 -7.83 -8.70 6.51
C ASP B 460 -6.93 -9.20 7.62
N GLY B 461 -5.62 -9.01 7.48
CA GLY B 461 -4.70 -9.40 8.52
C GLY B 461 -4.93 -8.64 9.82
N GLU B 462 -5.05 -7.30 9.73
CA GLU B 462 -5.27 -6.54 10.96
C GLU B 462 -6.63 -6.87 11.56
N ILE B 463 -7.65 -7.02 10.72
CA ILE B 463 -8.98 -7.34 11.24
C ILE B 463 -8.97 -8.70 11.92
N TYR B 464 -8.36 -9.69 11.28
CA TYR B 464 -8.24 -11.02 11.86
C TYR B 464 -7.44 -11.00 13.14
N GLN B 465 -6.36 -10.23 13.17
CA GLN B 465 -5.57 -10.11 14.39
C GLN B 465 -6.38 -9.48 15.50
N SER B 466 -7.16 -8.46 15.19
CA SER B 466 -8.01 -7.81 16.18
C SER B 466 -9.05 -8.79 16.72
N ILE B 467 -9.65 -9.59 15.84
CA ILE B 467 -10.64 -10.56 16.28
C ILE B 467 -9.99 -11.61 17.17
N VAL B 468 -8.82 -12.13 16.76
CA VAL B 468 -8.12 -13.13 17.56
C VAL B 468 -7.77 -12.57 18.93
N ASN B 469 -7.25 -11.34 18.96
CA ASN B 469 -6.96 -10.70 20.23
C ASN B 469 -8.23 -10.54 21.08
N ASP B 470 -9.36 -10.24 20.45
CA ASP B 470 -10.64 -10.12 21.13
C ASP B 470 -11.25 -11.45 21.52
N ILE B 471 -10.68 -12.56 21.06
CA ILE B 471 -11.26 -13.88 21.26
C ILE B 471 -10.33 -14.80 22.05
N TYR B 472 -9.10 -14.98 21.59
CA TYR B 472 -8.23 -16.01 22.15
C TYR B 472 -7.60 -15.60 23.48
N ASP B 473 -8.35 -15.74 24.57
CA ASP B 473 -7.82 -15.59 25.92
C ASP B 473 -7.80 -16.92 26.67
N VAL B 474 -8.87 -17.69 26.56
CA VAL B 474 -9.01 -18.98 27.25
C VAL B 474 -7.94 -19.92 26.74
N PRO B 475 -7.34 -20.75 27.60
CA PRO B 475 -6.38 -21.76 27.12
C PRO B 475 -6.95 -22.64 26.03
N ARG B 476 -6.33 -22.60 24.86
CA ARG B 476 -6.78 -23.35 23.69
C ARG B 476 -5.60 -24.07 23.05
N ASN B 477 -5.92 -25.13 22.31
CA ASN B 477 -4.95 -25.85 21.52
C ASN B 477 -5.35 -25.74 20.05
N VAL B 478 -4.43 -25.25 19.22
CA VAL B 478 -4.71 -25.00 17.82
C VAL B 478 -3.58 -25.60 16.98
N THR B 479 -3.90 -25.87 15.72
CA THR B 479 -2.94 -26.42 14.77
C THR B 479 -2.40 -25.29 13.91
N ILE B 480 -1.09 -25.22 13.80
CA ILE B 480 -0.40 -24.19 13.03
C ILE B 480 0.01 -24.77 11.68
N THR B 481 -0.38 -24.10 10.61
CA THR B 481 0.07 -24.43 9.26
C THR B 481 1.31 -23.58 9.01
N LEU B 482 2.47 -24.19 9.20
CA LEU B 482 3.72 -23.49 8.99
C LEU B 482 4.00 -23.36 7.50
N GLU B 483 4.98 -22.53 7.16
CA GLU B 483 5.54 -22.51 5.82
C GLU B 483 5.95 -23.93 5.41
N ASP B 484 5.97 -24.17 4.10
CA ASP B 484 6.06 -25.50 3.53
C ASP B 484 4.81 -26.33 3.84
N GLY B 485 3.75 -25.66 4.29
CA GLY B 485 2.50 -26.33 4.61
C GLY B 485 2.58 -27.31 5.75
N SER B 486 3.65 -27.29 6.54
CA SER B 486 3.85 -28.26 7.61
C SER B 486 2.89 -27.94 8.75
N GLU B 487 1.81 -28.70 8.83
CA GLU B 487 0.85 -28.54 9.91
C GLU B 487 1.48 -28.96 11.24
N LYS B 488 1.08 -28.28 12.31
CA LYS B 488 1.59 -28.61 13.63
C LYS B 488 0.65 -28.07 14.69
N ASP B 489 0.43 -28.88 15.72
CA ASP B 489 -0.46 -28.53 16.82
C ASP B 489 0.30 -27.74 17.86
N VAL B 490 -0.19 -26.53 18.15
CA VAL B 490 0.45 -25.65 19.12
C VAL B 490 -0.60 -25.18 20.11
N GLN B 491 -0.37 -25.47 21.39
CA GLN B 491 -1.28 -25.07 22.45
C GLN B 491 -1.04 -23.61 22.79
N LEU B 492 -2.12 -22.88 22.98
CA LEU B 492 -2.05 -21.42 23.04
C LEU B 492 -1.54 -20.91 24.39
N MET B 493 -2.30 -21.14 25.46
CA MET B 493 -1.88 -20.71 26.80
C MET B 493 -2.39 -21.65 27.89
N ALA B 494 -2.47 -21.15 29.13
CA ALA B 494 -2.42 -21.83 30.43
C ALA B 494 -0.98 -22.07 30.90
N GLU B 495 -0.02 -21.25 30.49
CA GLU B 495 1.26 -21.04 31.16
C GLU B 495 2.06 -22.31 31.48
N VAL B 496 1.57 -23.15 32.40
CA VAL B 496 2.32 -24.27 32.95
C VAL B 496 3.49 -23.73 33.77
N VAL B 497 3.60 -24.17 35.03
CA VAL B 497 4.55 -23.65 36.00
C VAL B 497 5.95 -23.53 35.41
N ASP B 498 6.59 -22.39 35.63
CA ASP B 498 7.90 -22.13 35.04
C ASP B 498 8.96 -23.04 35.67
N LEU B 499 10.04 -23.25 34.93
CA LEU B 499 11.18 -24.00 35.47
C LEU B 499 12.16 -23.08 36.18
N ALA B 500 12.47 -21.93 35.58
CA ALA B 500 13.47 -21.04 36.15
C ALA B 500 12.98 -20.35 37.41
N THR B 501 11.72 -19.90 37.41
CA THR B 501 11.18 -19.13 38.52
C THR B 501 9.89 -19.73 39.07
N GLY B 502 9.25 -20.63 38.35
CA GLY B 502 7.95 -21.14 38.75
C GLY B 502 6.91 -20.03 38.75
N GLU B 503 7.03 -19.09 37.81
CA GLU B 503 6.18 -17.90 37.75
C GLU B 503 5.39 -17.94 36.44
N LYS B 504 4.24 -18.62 36.50
CA LYS B 504 3.28 -18.78 35.41
C LYS B 504 3.87 -18.65 34.00
N GLN B 505 4.13 -17.40 33.58
CA GLN B 505 4.64 -17.12 32.24
C GLN B 505 3.71 -17.70 31.18
N VAL B 506 2.53 -17.11 31.05
CA VAL B 506 1.48 -17.54 30.13
C VAL B 506 2.06 -17.94 28.78
N LEU B 507 1.71 -19.12 28.31
CA LEU B 507 2.26 -19.65 27.07
C LEU B 507 1.88 -18.76 25.88
N ASN B 508 2.83 -18.60 24.96
CA ASN B 508 2.64 -17.84 23.73
C ASN B 508 2.17 -16.43 24.01
N ASP B 509 0.92 -16.29 24.44
CA ASP B 509 0.35 -15.00 24.80
C ASP B 509 0.37 -14.07 23.58
N ILE B 510 -0.20 -14.55 22.47
CA ILE B 510 -0.38 -13.70 21.28
C ILE B 510 -1.21 -12.47 21.61
N ARG B 511 -1.76 -12.43 22.83
CA ARG B 511 -2.35 -11.22 23.38
C ARG B 511 -1.39 -10.04 23.24
N GLY B 512 -1.67 -9.16 22.29
CA GLY B 512 -0.83 -8.00 22.09
C GLY B 512 -1.25 -7.10 20.94
N ARG B 513 -0.26 -6.51 20.26
CA ARG B 513 -0.50 -5.54 19.20
C ARG B 513 0.60 -5.69 18.16
N TYR B 514 0.25 -6.20 16.98
CA TYR B 514 1.21 -6.46 15.92
C TYR B 514 0.80 -5.74 14.64
N GLU B 515 1.79 -5.48 13.77
CA GLU B 515 1.53 -4.86 12.49
C GLU B 515 1.53 -5.91 11.39
N CYS B 516 0.49 -5.88 10.57
CA CYS B 516 0.33 -6.85 9.50
C CYS B 516 0.87 -6.28 8.20
N TYR B 517 1.68 -7.08 7.50
CA TYR B 517 2.39 -6.61 6.32
C TYR B 517 2.66 -7.81 5.42
N THR B 518 2.38 -7.65 4.13
CA THR B 518 2.54 -8.72 3.18
C THR B 518 3.81 -8.52 2.34
N ASP B 519 4.34 -9.62 1.83
CA ASP B 519 5.51 -9.63 0.95
C ASP B 519 5.24 -10.48 -0.28
N VAL B 520 4.64 -9.87 -1.30
CA VAL B 520 4.35 -10.57 -2.54
C VAL B 520 5.64 -10.74 -3.33
N GLY B 521 5.83 -11.93 -3.88
CA GLY B 521 7.03 -12.23 -4.63
C GLY B 521 7.23 -13.71 -4.83
N PRO B 522 8.43 -14.20 -4.53
CA PRO B 522 8.73 -15.63 -4.75
C PRO B 522 7.91 -16.51 -3.82
N SER B 523 7.12 -17.39 -4.42
CA SER B 523 6.43 -18.41 -3.65
C SER B 523 7.43 -19.42 -3.12
N PHE B 524 7.00 -20.17 -2.10
CA PHE B 524 7.88 -21.18 -1.51
C PHE B 524 8.24 -22.23 -2.55
N GLN B 525 7.27 -22.67 -3.34
CA GLN B 525 7.55 -23.62 -4.40
C GLN B 525 8.48 -23.01 -5.43
N SER B 526 8.24 -21.75 -5.79
CA SER B 526 9.10 -21.09 -6.76
C SER B 526 10.53 -20.94 -6.23
N MET B 527 10.68 -20.50 -4.99
CA MET B 527 12.02 -20.30 -4.46
C MET B 527 12.75 -21.63 -4.31
N LYS B 528 12.04 -22.68 -3.89
CA LYS B 528 12.71 -23.97 -3.75
C LYS B 528 13.11 -24.54 -5.11
N GLN B 529 12.27 -24.35 -6.12
CA GLN B 529 12.64 -24.81 -7.46
C GLN B 529 13.83 -24.02 -7.98
N GLN B 530 13.85 -22.71 -7.75
CA GLN B 530 15.00 -21.91 -8.15
C GLN B 530 16.26 -22.37 -7.44
N ASN B 531 16.16 -22.67 -6.15
CA ASN B 531 17.32 -23.14 -5.40
C ASN B 531 17.81 -24.48 -5.93
N ARG B 532 16.88 -25.38 -6.26
CA ARG B 532 17.25 -26.68 -6.80
C ARG B 532 17.96 -26.52 -8.15
N ALA B 533 17.43 -25.67 -9.02
CA ALA B 533 18.08 -25.43 -10.30
C ALA B 533 19.46 -24.81 -10.08
N GLU B 534 19.55 -23.85 -9.16
CA GLU B 534 20.81 -23.18 -8.88
C GLU B 534 21.86 -24.18 -8.42
N ILE B 535 21.51 -25.03 -7.46
CA ILE B 535 22.48 -25.98 -6.92
C ILE B 535 22.81 -27.05 -7.94
N LEU B 536 21.85 -27.39 -8.82
CA LEU B 536 22.15 -28.32 -9.89
C LEU B 536 23.20 -27.72 -10.84
N GLU B 537 23.04 -26.44 -11.17
CA GLU B 537 24.06 -25.76 -11.97
C GLU B 537 25.39 -25.74 -11.24
N LEU B 538 25.35 -25.51 -9.93
CA LEU B 538 26.57 -25.52 -9.14
C LEU B 538 27.29 -26.85 -9.26
N LEU B 539 26.57 -27.95 -9.09
CA LEU B 539 27.17 -29.27 -9.26
C LEU B 539 27.70 -29.45 -10.67
N GLY B 540 26.96 -28.95 -11.67
CA GLY B 540 27.47 -28.97 -13.02
C GLY B 540 28.77 -28.20 -13.17
N LYS B 541 29.01 -27.23 -12.30
CA LYS B 541 30.24 -26.45 -12.34
C LYS B 541 31.02 -26.57 -11.05
N THR B 542 31.09 -27.78 -10.49
CA THR B 542 31.81 -27.97 -9.24
C THR B 542 32.75 -29.16 -9.37
N PRO B 543 34.02 -29.00 -9.02
CA PRO B 543 34.91 -30.17 -8.98
C PRO B 543 34.45 -31.17 -7.95
N GLN B 544 34.62 -32.44 -8.27
CA GLN B 544 34.30 -33.51 -7.33
C GLN B 544 35.43 -33.69 -6.33
N GLY B 545 35.14 -34.46 -5.28
CA GLY B 545 36.12 -34.70 -4.24
C GLY B 545 36.08 -33.67 -3.13
N THR B 546 35.91 -32.40 -3.49
CA THR B 546 35.83 -31.37 -2.49
C THR B 546 34.60 -31.58 -1.62
N PRO B 547 34.69 -31.30 -0.31
CA PRO B 547 33.52 -31.49 0.56
C PRO B 547 32.32 -30.68 0.12
N GLU B 548 32.54 -29.53 -0.52
CA GLU B 548 31.43 -28.71 -0.97
C GLU B 548 30.56 -29.46 -1.98
N TYR B 549 31.20 -30.23 -2.86
CA TYR B 549 30.45 -31.03 -3.83
C TYR B 549 29.44 -31.94 -3.14
N GLN B 550 29.91 -32.73 -2.17
CA GLN B 550 29.01 -33.66 -1.49
C GLN B 550 27.99 -32.94 -0.63
N LEU B 551 28.39 -31.84 0.01
CA LEU B 551 27.44 -31.07 0.81
C LEU B 551 26.30 -30.56 -0.05
N LEU B 552 26.63 -30.04 -1.24
CA LEU B 552 25.60 -29.58 -2.15
C LEU B 552 24.76 -30.74 -2.67
N LEU B 553 25.38 -31.89 -2.88
CA LEU B 553 24.61 -33.08 -3.24
C LEU B 553 23.55 -33.38 -2.20
N LEU B 554 23.96 -33.46 -0.93
CA LEU B 554 23.04 -33.76 0.16
C LEU B 554 21.95 -32.70 0.26
N GLN B 555 22.30 -31.43 0.11
CA GLN B 555 21.28 -30.39 0.13
C GLN B 555 20.30 -30.58 -1.02
N TYR B 556 20.80 -30.94 -2.20
CA TYR B 556 19.92 -31.17 -3.33
C TYR B 556 18.94 -32.28 -3.04
N PHE B 557 19.41 -33.38 -2.46
CA PHE B 557 18.49 -34.46 -2.10
C PHE B 557 17.53 -34.01 -1.01
N THR B 558 17.97 -33.06 -0.17
CA THR B 558 17.10 -32.53 0.87
C THR B 558 15.96 -31.71 0.27
N LEU B 559 16.22 -31.03 -0.84
CA LEU B 559 15.26 -30.10 -1.42
C LEU B 559 14.27 -30.78 -2.36
N LEU B 560 14.34 -32.10 -2.48
CA LEU B 560 13.53 -32.82 -3.45
C LEU B 560 12.11 -33.04 -2.91
N ASP B 561 11.37 -33.92 -3.57
CA ASP B 561 9.97 -34.18 -3.26
C ASP B 561 9.87 -35.14 -2.08
N GLY B 562 8.68 -35.68 -1.84
CA GLY B 562 8.40 -36.49 -0.67
C GLY B 562 8.41 -37.99 -0.90
N LYS B 563 7.21 -38.54 -1.14
CA LYS B 563 6.99 -39.99 -1.18
C LYS B 563 8.01 -40.74 -2.02
N GLY B 564 8.64 -40.06 -2.99
CA GLY B 564 9.58 -40.73 -3.86
C GLY B 564 10.97 -40.90 -3.27
N VAL B 565 11.54 -39.80 -2.80
CA VAL B 565 12.97 -39.77 -2.44
C VAL B 565 13.09 -39.53 -0.94
N GLU B 566 12.09 -39.97 -0.19
CA GLU B 566 12.07 -39.71 1.24
C GLU B 566 13.24 -40.40 1.95
N MET B 567 13.59 -41.62 1.53
CA MET B 567 14.66 -42.35 2.21
C MET B 567 16.02 -41.77 1.85
N MET B 568 16.25 -41.42 0.58
CA MET B 568 17.49 -40.74 0.23
C MET B 568 17.59 -39.39 0.92
N ARG B 569 16.48 -38.66 1.00
CA ARG B 569 16.48 -37.37 1.70
C ARG B 569 16.81 -37.56 3.18
N ASP B 570 16.24 -38.59 3.80
CA ASP B 570 16.52 -38.86 5.21
C ASP B 570 17.98 -39.23 5.41
N TYR B 571 18.55 -40.04 4.51
CA TYR B 571 19.97 -40.34 4.59
C TYR B 571 20.81 -39.09 4.46
N ALA B 572 20.44 -38.22 3.52
CA ALA B 572 21.17 -36.96 3.35
C ALA B 572 21.10 -36.11 4.60
N ASN B 573 19.92 -36.01 5.21
CA ASN B 573 19.76 -35.24 6.45
C ASN B 573 20.61 -35.83 7.56
N LYS B 574 20.57 -37.16 7.69
CA LYS B 574 21.38 -37.85 8.68
C LYS B 574 22.85 -37.53 8.51
N GLN B 575 23.36 -37.65 7.28
CA GLN B 575 24.76 -37.35 7.04
C GLN B 575 25.08 -35.88 7.32
N LEU B 576 24.20 -34.97 6.87
CA LEU B 576 24.39 -33.54 7.08
C LEU B 576 24.55 -33.23 8.56
N ILE B 577 23.72 -33.87 9.38
CA ILE B 577 23.85 -33.72 10.81
C ILE B 577 25.13 -34.36 11.31
N GLN B 578 25.53 -35.49 10.71
CA GLN B 578 26.66 -36.25 11.22
C GLN B 578 28.01 -35.60 10.97
N MET B 579 28.21 -34.86 9.88
CA MET B 579 29.48 -34.15 9.82
C MET B 579 29.38 -32.77 10.47
N GLY B 580 28.21 -32.43 11.01
CA GLY B 580 28.05 -31.25 11.84
C GLY B 580 27.53 -30.02 11.14
N VAL B 581 27.38 -30.05 9.81
CA VAL B 581 26.88 -28.88 9.10
C VAL B 581 25.44 -28.56 9.52
N LYS B 582 24.61 -29.60 9.62
CA LYS B 582 23.23 -29.42 10.06
C LYS B 582 23.14 -29.66 11.56
N LYS B 583 22.53 -28.70 12.27
CA LYS B 583 22.42 -28.81 13.71
C LYS B 583 21.31 -29.79 14.09
N PRO B 584 21.48 -30.50 15.20
CA PRO B 584 20.46 -31.47 15.62
C PRO B 584 19.26 -30.77 16.26
N GLU B 585 18.07 -31.26 15.95
CA GLU B 585 16.84 -30.77 16.53
C GLU B 585 16.11 -31.84 17.33
N THR B 586 16.43 -33.11 17.13
CA THR B 586 15.83 -34.22 17.87
C THR B 586 16.95 -35.12 18.37
N PRO B 587 16.77 -35.75 19.53
CA PRO B 587 17.91 -36.46 20.15
C PRO B 587 18.53 -37.54 19.30
N GLU B 588 17.75 -38.23 18.45
CA GLU B 588 18.33 -39.28 17.63
C GLU B 588 19.44 -38.72 16.75
N GLU B 589 19.23 -37.54 16.18
CA GLU B 589 20.27 -36.87 15.42
C GLU B 589 21.47 -36.54 16.31
N GLN B 590 21.21 -36.21 17.57
CA GLN B 590 22.32 -35.93 18.49
C GLN B 590 23.17 -37.17 18.73
N GLN B 591 22.52 -38.32 18.95
CA GLN B 591 23.28 -39.55 19.13
C GLN B 591 24.03 -39.93 17.86
N TRP B 592 23.40 -39.68 16.71
CA TRP B 592 24.09 -39.93 15.44
C TRP B 592 25.33 -39.05 15.32
N LEU B 593 25.21 -37.78 15.70
CA LEU B 593 26.35 -36.87 15.67
C LEU B 593 27.46 -37.35 16.60
N VAL B 594 27.10 -37.75 17.82
CA VAL B 594 28.15 -38.13 18.76
C VAL B 594 28.81 -39.44 18.35
N GLU B 595 28.04 -40.40 17.81
CA GLU B 595 28.63 -41.67 17.39
C GLU B 595 29.49 -41.47 16.14
N ALA B 596 29.14 -40.48 15.32
CA ALA B 596 29.99 -40.16 14.17
C ALA B 596 31.28 -39.48 14.62
N GLN B 597 31.18 -38.53 15.55
CA GLN B 597 32.35 -37.74 15.93
C GLN B 597 33.32 -38.57 16.75
N GLN B 598 32.81 -39.51 17.55
CA GLN B 598 33.70 -40.40 18.28
C GLN B 598 34.46 -41.35 17.36
N ALA B 599 33.97 -41.56 16.15
CA ALA B 599 34.64 -42.45 15.20
C ALA B 599 35.84 -41.77 14.57
N ASN C 6 -8.26 41.22 8.93
CA ASN C 6 -7.38 41.71 7.88
C ASN C 6 -6.63 40.55 7.24
N ARG C 7 -6.37 39.52 8.04
CA ARG C 7 -5.61 38.36 7.56
C ARG C 7 -6.39 37.59 6.51
N LEU C 8 -7.69 37.40 6.74
CA LEU C 8 -8.48 36.51 5.89
C LEU C 8 -8.52 36.98 4.44
N GLU C 9 -8.75 38.28 4.21
CA GLU C 9 -8.87 38.73 2.84
C GLU C 9 -7.52 38.74 2.13
N SER C 10 -6.43 38.96 2.87
CA SER C 10 -5.11 38.81 2.26
C SER C 10 -4.88 37.36 1.83
N ILE C 11 -5.24 36.41 2.69
CA ILE C 11 -5.13 35.00 2.33
C ILE C 11 -5.97 34.70 1.09
N LEU C 12 -7.20 35.20 1.07
CA LEU C 12 -8.10 34.93 -0.04
C LEU C 12 -7.60 35.56 -1.33
N SER C 13 -7.03 36.77 -1.26
CA SER C 13 -6.47 37.40 -2.44
C SER C 13 -5.30 36.60 -2.99
N ARG C 14 -4.41 36.14 -2.10
CA ARG C 14 -3.30 35.32 -2.56
C ARG C 14 -3.79 34.02 -3.19
N PHE C 15 -4.77 33.38 -2.56
CA PHE C 15 -5.32 32.14 -3.11
C PHE C 15 -5.96 32.39 -4.47
N ASP C 16 -6.71 33.48 -4.62
CA ASP C 16 -7.34 33.79 -5.89
C ASP C 16 -6.32 34.10 -6.97
N ALA C 17 -5.23 34.80 -6.61
CA ALA C 17 -4.17 35.07 -7.57
C ALA C 17 -3.53 33.78 -8.06
N ASP C 18 -3.22 32.86 -7.13
CA ASP C 18 -2.64 31.58 -7.53
C ASP C 18 -3.64 30.77 -8.36
N TRP C 19 -4.92 30.82 -7.98
CA TRP C 19 -5.97 30.11 -8.71
C TRP C 19 -6.07 30.62 -10.14
N THR C 20 -6.04 31.94 -10.30
CA THR C 20 -6.06 32.54 -11.63
C THR C 20 -4.81 32.18 -12.42
N ALA C 21 -3.66 32.14 -11.76
CA ALA C 21 -2.43 31.77 -12.46
C ALA C 21 -2.47 30.32 -12.94
N SER C 22 -3.04 29.42 -12.13
CA SER C 22 -3.01 27.99 -12.43
C SER C 22 -4.31 27.46 -13.02
N ASP C 23 -5.24 28.35 -13.39
CA ASP C 23 -6.52 27.90 -13.91
C ASP C 23 -6.37 27.07 -15.18
N GLU C 24 -5.51 27.50 -16.11
CA GLU C 24 -5.36 26.77 -17.36
C GLU C 24 -4.82 25.37 -17.13
N ALA C 25 -3.81 25.25 -16.26
CA ALA C 25 -3.27 23.94 -15.93
C ALA C 25 -4.31 23.08 -15.25
N ARG C 26 -5.07 23.67 -14.32
CA ARG C 26 -6.09 22.92 -13.61
C ARG C 26 -7.15 22.39 -14.56
N ARG C 27 -7.66 23.24 -15.45
CA ARG C 27 -8.71 22.81 -16.36
C ARG C 27 -8.19 21.76 -17.35
N GLU C 28 -6.98 21.94 -17.87
CA GLU C 28 -6.47 20.93 -18.80
C GLU C 28 -6.22 19.61 -18.09
N ALA C 29 -5.71 19.64 -16.86
CA ALA C 29 -5.47 18.40 -16.13
C ALA C 29 -6.77 17.68 -15.81
N LYS C 30 -7.77 18.42 -15.35
CA LYS C 30 -9.06 17.79 -15.06
C LYS C 30 -9.73 17.29 -16.32
N ASN C 31 -9.52 17.99 -17.44
CA ASN C 31 -10.01 17.51 -18.72
C ASN C 31 -9.37 16.19 -19.08
N ASP C 32 -8.05 16.09 -18.90
CA ASP C 32 -7.35 14.85 -19.18
C ASP C 32 -7.83 13.72 -18.27
N LEU C 33 -8.06 14.02 -16.99
CA LEU C 33 -8.57 13.00 -16.08
C LEU C 33 -9.96 12.53 -16.50
N PHE C 34 -10.87 13.48 -16.73
CA PHE C 34 -12.20 13.13 -17.20
C PHE C 34 -12.15 12.28 -18.46
N PHE C 35 -11.26 12.62 -19.39
CA PHE C 35 -11.02 11.77 -20.54
C PHE C 35 -10.62 10.37 -20.12
N SER C 36 -9.58 10.26 -19.28
CA SER C 36 -9.01 8.99 -18.92
C SER C 36 -9.82 8.24 -17.87
N ARG C 37 -10.63 8.93 -17.09
CA ARG C 37 -11.25 8.30 -15.93
C ARG C 37 -12.76 8.25 -15.97
N VAL C 38 -13.44 9.01 -16.82
CA VAL C 38 -14.89 8.94 -16.88
C VAL C 38 -15.32 8.52 -18.27
N SER C 39 -14.98 9.34 -19.26
CA SER C 39 -15.30 9.02 -20.64
C SER C 39 -14.22 9.62 -21.52
N GLN C 40 -13.72 8.83 -22.46
CA GLN C 40 -12.67 9.33 -23.34
C GLN C 40 -13.23 10.24 -24.42
N TRP C 41 -14.55 10.39 -24.48
CA TRP C 41 -15.16 11.27 -25.46
C TRP C 41 -15.47 12.61 -24.81
N ASP C 42 -14.75 13.65 -25.24
CA ASP C 42 -14.96 14.99 -24.74
C ASP C 42 -16.29 15.54 -25.24
N ASP C 43 -16.72 16.67 -24.68
CA ASP C 43 -17.99 17.27 -25.10
C ASP C 43 -17.94 17.71 -26.55
N TRP C 44 -16.80 18.21 -27.02
CA TRP C 44 -16.66 18.61 -28.41
C TRP C 44 -16.84 17.41 -29.33
N LEU C 45 -16.32 16.25 -28.92
CA LEU C 45 -16.51 15.04 -29.71
C LEU C 45 -17.98 14.69 -29.85
N SER C 46 -18.72 14.62 -28.74
CA SER C 46 -20.14 14.35 -28.81
C SER C 46 -20.88 15.46 -29.56
N GLN C 47 -20.31 16.67 -29.60
CA GLN C 47 -20.82 17.72 -30.47
C GLN C 47 -20.44 17.47 -31.92
N TYR C 48 -19.14 17.45 -32.21
CA TYR C 48 -18.66 17.25 -33.57
C TYR C 48 -18.60 15.75 -33.84
N THR C 49 -19.76 15.21 -34.22
CA THR C 49 -19.88 13.79 -34.54
C THR C 49 -21.18 13.58 -35.29
N THR C 50 -21.26 12.44 -35.98
CA THR C 50 -22.47 12.02 -36.66
C THR C 50 -22.93 10.63 -36.22
N LEU C 51 -22.41 10.12 -35.11
CA LEU C 51 -22.57 8.71 -34.80
C LEU C 51 -23.81 8.46 -33.97
N GLN C 52 -24.20 7.20 -33.90
CA GLN C 52 -25.28 6.76 -33.03
C GLN C 52 -24.83 5.74 -31.99
N TYR C 53 -23.82 4.93 -32.32
CA TYR C 53 -23.23 4.00 -31.36
C TYR C 53 -22.14 4.74 -30.59
N ARG C 54 -22.25 4.69 -29.27
CA ARG C 54 -21.26 5.29 -28.39
C ARG C 54 -20.50 4.19 -27.67
N GLY C 55 -19.41 3.71 -28.29
CA GLY C 55 -18.55 2.72 -27.68
C GLY C 55 -17.15 3.27 -27.48
N GLN C 56 -16.45 2.71 -26.48
CA GLN C 56 -15.21 3.33 -25.99
C GLN C 56 -14.09 2.29 -26.03
N PHE C 57 -13.39 2.24 -27.16
CA PHE C 57 -12.34 1.24 -27.39
C PHE C 57 -10.96 1.86 -27.17
N ASP C 58 -10.63 2.17 -25.92
CA ASP C 58 -9.36 2.82 -25.66
C ASP C 58 -8.24 1.78 -25.53
N VAL C 59 -7.01 2.26 -25.63
CA VAL C 59 -5.84 1.41 -25.47
C VAL C 59 -4.86 2.09 -24.52
N VAL C 60 -5.32 3.14 -23.85
CA VAL C 60 -4.45 3.90 -22.97
C VAL C 60 -4.06 3.08 -21.75
N ARG C 61 -4.98 2.26 -21.25
CA ARG C 61 -4.71 1.50 -20.03
C ARG C 61 -3.53 0.53 -20.17
N PRO C 62 -3.38 -0.25 -21.25
CA PRO C 62 -2.18 -1.09 -21.35
C PRO C 62 -0.89 -0.29 -21.28
N VAL C 63 -0.84 0.84 -21.98
CA VAL C 63 0.37 1.65 -22.00
C VAL C 63 0.66 2.19 -20.61
N VAL C 64 -0.37 2.70 -19.94
CA VAL C 64 -0.20 3.20 -18.58
C VAL C 64 0.30 2.09 -17.68
N ARG C 65 -0.22 0.87 -17.87
CA ARG C 65 0.24 -0.25 -17.07
C ARG C 65 1.71 -0.53 -17.31
N LYS C 66 2.13 -0.51 -18.58
CA LYS C 66 3.54 -0.73 -18.88
C LYS C 66 4.40 0.32 -18.21
N LEU C 67 4.02 1.59 -18.32
CA LEU C 67 4.81 2.65 -17.71
C LEU C 67 4.90 2.48 -16.20
N VAL C 68 3.77 2.22 -15.53
CA VAL C 68 3.79 2.11 -14.08
C VAL C 68 4.61 0.90 -13.65
N SER C 69 4.55 -0.18 -14.42
CA SER C 69 5.43 -1.32 -14.16
C SER C 69 6.88 -0.90 -14.28
N GLU C 70 7.22 -0.10 -15.30
CA GLU C 70 8.60 0.33 -15.47
C GLU C 70 9.07 1.17 -14.29
N MET C 71 8.24 2.09 -13.82
CA MET C 71 8.63 2.83 -12.63
C MET C 71 8.75 1.93 -11.42
N ARG C 72 7.85 0.97 -11.26
CA ARG C 72 7.91 0.07 -10.11
C ARG C 72 9.19 -0.74 -10.09
N GLN C 73 9.61 -1.27 -11.24
CA GLN C 73 10.84 -2.07 -11.31
C GLN C 73 12.10 -1.21 -11.24
N ASN C 74 11.98 0.08 -10.93
CA ASN C 74 13.13 0.98 -10.77
C ASN C 74 13.04 1.60 -9.39
N PRO C 75 13.48 0.88 -8.36
CA PRO C 75 13.44 1.44 -7.01
C PRO C 75 14.37 2.63 -6.86
N ILE C 76 13.97 3.57 -6.01
CA ILE C 76 14.72 4.78 -5.75
C ILE C 76 15.04 4.85 -4.27
N ASP C 77 16.31 5.07 -3.94
CA ASP C 77 16.74 5.25 -2.57
C ASP C 77 17.16 6.69 -2.34
N VAL C 78 16.86 7.20 -1.15
CA VAL C 78 17.20 8.55 -0.76
C VAL C 78 18.23 8.46 0.36
N LEU C 79 19.35 9.14 0.18
CA LEU C 79 20.45 9.11 1.12
C LEU C 79 20.60 10.47 1.79
N TYR C 80 21.20 10.47 2.97
CA TYR C 80 21.29 11.68 3.79
C TYR C 80 22.76 11.94 4.06
N ARG C 81 23.28 13.04 3.56
CA ARG C 81 24.68 13.35 3.79
C ARG C 81 24.85 13.91 5.19
N PRO C 82 25.68 13.31 6.04
CA PRO C 82 25.91 13.88 7.37
C PRO C 82 26.72 15.17 7.26
N LYS C 83 26.04 16.29 7.41
CA LYS C 83 26.64 17.60 7.23
C LYS C 83 27.13 18.13 8.57
N ASP C 84 27.94 19.19 8.48
CA ASP C 84 28.50 19.85 9.66
C ASP C 84 29.31 18.88 10.52
N GLY C 85 30.01 17.96 9.83
CA GLY C 85 30.83 16.99 10.52
C GLY C 85 30.06 15.94 11.30
N ALA C 86 28.82 15.66 10.93
CA ALA C 86 28.03 14.69 11.65
C ALA C 86 28.54 13.28 11.41
N ARG C 87 28.29 12.40 12.38
CA ARG C 87 28.75 11.03 12.29
C ARG C 87 28.02 10.28 11.18
N PRO C 88 28.71 9.39 10.45
CA PRO C 88 28.02 8.57 9.45
C PRO C 88 26.96 7.68 10.04
N ASP C 89 27.11 7.25 11.30
CA ASP C 89 26.14 6.34 11.90
C ASP C 89 24.75 6.95 12.01
N ALA C 90 24.67 8.21 12.42
CA ALA C 90 23.35 8.84 12.54
C ALA C 90 22.69 8.95 11.17
N ALA C 91 23.46 9.29 10.14
CA ALA C 91 22.91 9.31 8.79
C ALA C 91 22.46 7.91 8.36
N ASP C 92 23.23 6.89 8.70
CA ASP C 92 22.86 5.51 8.35
C ASP C 92 21.55 5.14 9.00
N VAL C 93 21.38 5.48 10.27
CA VAL C 93 20.13 5.23 10.96
C VAL C 93 19.01 6.03 10.32
N LEU C 94 19.31 7.23 9.83
CA LEU C 94 18.28 8.02 9.17
C LEU C 94 17.82 7.39 7.86
N MET C 95 18.76 6.85 7.07
CA MET C 95 18.33 6.09 5.89
C MET C 95 17.57 4.84 6.30
N GLY C 96 17.95 4.22 7.43
CA GLY C 96 17.15 3.11 7.92
C GLY C 96 15.73 3.52 8.25
N MET C 97 15.58 4.71 8.83
CA MET C 97 14.25 5.26 9.10
C MET C 97 13.48 5.52 7.81
N TYR C 98 14.16 6.08 6.82
CA TYR C 98 13.48 6.36 5.55
C TYR C 98 13.05 5.05 4.89
N ARG C 99 13.89 4.03 4.97
CA ARG C 99 13.53 2.71 4.47
C ARG C 99 12.35 2.13 5.23
N THR C 100 12.34 2.25 6.56
CA THR C 100 11.27 1.66 7.34
C THR C 100 9.99 2.47 7.27
N ASP C 101 10.03 3.67 6.69
CA ASP C 101 8.79 4.36 6.39
C ASP C 101 8.33 4.19 4.94
N MET C 102 9.27 3.98 4.01
CA MET C 102 8.90 3.59 2.64
C MET C 102 8.15 2.28 2.55
N ARG C 103 8.59 1.23 3.24
CA ARG C 103 7.98 -0.08 3.01
C ARG C 103 6.60 -0.20 3.64
N HIS C 104 6.16 0.79 4.40
CA HIS C 104 4.80 0.75 4.92
C HIS C 104 3.80 0.85 3.79
N ASN C 105 2.69 0.13 3.92
CA ASN C 105 1.75 0.01 2.81
C ASN C 105 1.14 1.36 2.46
N THR C 106 0.85 2.19 3.45
CA THR C 106 0.25 3.50 3.17
C THR C 106 1.17 4.36 2.32
N ALA C 107 2.46 4.38 2.63
CA ALA C 107 3.39 5.18 1.84
C ALA C 107 3.47 4.66 0.41
N LYS C 108 3.54 3.35 0.23
CA LYS C 108 3.61 2.80 -1.12
C LYS C 108 2.35 3.10 -1.90
N ILE C 109 1.18 2.98 -1.26
CA ILE C 109 -0.07 3.29 -1.94
C ILE C 109 -0.12 4.75 -2.34
N ALA C 110 0.33 5.64 -1.45
CA ALA C 110 0.39 7.06 -1.79
C ALA C 110 1.29 7.29 -2.98
N VAL C 111 2.45 6.62 -3.01
CA VAL C 111 3.36 6.76 -4.13
C VAL C 111 2.71 6.28 -5.42
N ASN C 112 2.04 5.13 -5.37
CA ASN C 112 1.40 4.59 -6.57
C ASN C 112 0.33 5.54 -7.08
N ILE C 113 -0.51 6.06 -6.18
CA ILE C 113 -1.56 6.97 -6.62
C ILE C 113 -0.96 8.23 -7.22
N ALA C 114 0.08 8.77 -6.58
CA ALA C 114 0.71 9.97 -7.11
C ALA C 114 1.28 9.73 -8.49
N VAL C 115 1.95 8.60 -8.70
CA VAL C 115 2.60 8.37 -9.98
C VAL C 115 1.57 8.07 -11.06
N ARG C 116 0.48 7.38 -10.72
CA ARG C 116 -0.52 7.09 -11.75
C ARG C 116 -1.28 8.34 -12.15
N GLU C 117 -1.59 9.20 -11.19
CA GLU C 117 -2.21 10.47 -11.53
C GLU C 117 -1.21 11.45 -12.13
N GLN C 118 0.09 11.19 -11.98
CA GLN C 118 1.11 11.98 -12.67
C GLN C 118 1.19 11.60 -14.14
N ILE C 119 1.34 10.30 -14.42
CA ILE C 119 1.34 9.85 -15.80
C ILE C 119 0.00 10.17 -16.47
N GLU C 120 -1.06 10.28 -15.66
CA GLU C 120 -2.37 10.65 -16.20
C GLU C 120 -2.45 12.16 -16.42
N ALA C 121 -2.42 12.94 -15.34
CA ALA C 121 -2.56 14.38 -15.46
C ALA C 121 -1.21 15.08 -15.46
N GLY C 122 -0.37 14.75 -14.48
CA GLY C 122 0.93 15.36 -14.38
C GLY C 122 1.38 15.58 -12.96
N VAL C 123 0.42 15.65 -12.03
CA VAL C 123 0.72 16.05 -10.65
C VAL C 123 0.08 15.05 -9.69
N GLY C 124 0.87 14.59 -8.72
CA GLY C 124 0.34 13.74 -7.68
C GLY C 124 0.44 14.35 -6.29
N ALA C 125 1.54 15.06 -6.03
CA ALA C 125 1.72 15.94 -4.87
C ALA C 125 1.13 15.39 -3.58
N TRP C 126 1.62 14.26 -3.09
CA TRP C 126 1.00 13.64 -1.93
C TRP C 126 1.25 14.49 -0.68
N ARG C 127 0.69 14.02 0.43
CA ARG C 127 0.67 14.77 1.67
C ARG C 127 1.31 13.94 2.78
N LEU C 128 2.33 14.52 3.41
CA LEU C 128 2.89 13.96 4.62
C LEU C 128 1.91 14.13 5.77
N VAL C 129 2.13 13.38 6.85
CA VAL C 129 1.32 13.51 8.05
C VAL C 129 2.03 12.80 9.19
N THR C 130 1.92 13.37 10.38
CA THR C 130 2.44 12.74 11.59
C THR C 130 1.30 12.65 12.60
N ASP C 131 1.39 11.69 13.50
CA ASP C 131 0.33 11.47 14.47
C ASP C 131 0.90 10.69 15.65
N TYR C 132 0.21 10.81 16.78
CA TYR C 132 0.62 10.09 17.98
C TYR C 132 0.66 8.60 17.71
N GLU C 133 1.72 7.94 18.17
CA GLU C 133 1.86 6.51 17.97
C GLU C 133 1.84 5.82 19.33
N ASP C 134 1.29 4.61 19.35
CA ASP C 134 1.13 3.83 20.58
C ASP C 134 0.31 4.63 21.60
N GLN C 135 -0.96 4.82 21.26
CA GLN C 135 -1.83 5.74 21.97
C GLN C 135 -1.86 5.46 23.46
N SER C 136 -1.29 6.35 24.24
CA SER C 136 -1.22 6.24 25.69
C SER C 136 -0.83 7.59 26.28
N PRO C 137 -1.52 8.08 27.31
CA PRO C 137 -1.15 9.35 27.93
C PRO C 137 0.22 9.31 28.58
N THR C 138 0.78 8.13 28.81
CA THR C 138 2.11 8.01 29.39
C THR C 138 3.16 8.65 28.49
N SER C 139 3.05 8.43 27.19
CA SER C 139 4.02 8.91 26.22
C SER C 139 3.37 9.90 25.27
N ASN C 140 4.18 10.49 24.40
CA ASN C 140 3.71 11.40 23.37
C ASN C 140 4.42 11.12 22.05
N ASN C 141 5.03 9.95 21.93
CA ASN C 141 5.79 9.62 20.73
C ASN C 141 4.88 9.53 19.52
N GLN C 142 5.42 9.91 18.37
CA GLN C 142 4.65 10.01 17.15
C GLN C 142 5.42 9.36 16.00
N VAL C 143 4.68 8.93 14.98
CA VAL C 143 5.23 8.48 13.72
C VAL C 143 4.73 9.42 12.62
N ILE C 144 5.31 9.27 11.43
CA ILE C 144 5.02 10.14 10.30
C ILE C 144 4.52 9.25 9.16
N ARG C 145 3.42 9.64 8.54
CA ARG C 145 2.85 8.93 7.41
C ARG C 145 2.71 9.86 6.22
N ARG C 146 2.45 9.27 5.05
CA ARG C 146 2.29 10.00 3.81
C ARG C 146 0.95 9.61 3.19
N GLU C 147 0.09 10.60 2.98
CA GLU C 147 -1.17 10.21 2.37
C GLU C 147 -1.34 10.93 1.03
N PRO C 148 -1.89 10.27 0.02
CA PRO C 148 -1.97 10.88 -1.31
C PRO C 148 -3.07 11.92 -1.39
N ILE C 149 -2.94 12.80 -2.37
CA ILE C 149 -3.95 13.80 -2.66
C ILE C 149 -4.62 13.41 -3.96
N HIS C 150 -5.85 12.92 -3.86
CA HIS C 150 -6.59 12.46 -5.02
C HIS C 150 -7.07 13.67 -5.83
N SER C 151 -6.83 13.62 -7.13
CA SER C 151 -7.08 14.75 -8.04
C SER C 151 -6.46 16.03 -7.49
N ALA C 152 -5.16 15.94 -7.21
CA ALA C 152 -4.42 17.03 -6.60
C ALA C 152 -4.33 18.26 -7.50
N CYS C 153 -4.58 18.12 -8.80
CA CYS C 153 -4.44 19.24 -9.72
C CYS C 153 -5.43 20.37 -9.42
N SER C 154 -6.51 20.10 -8.71
CA SER C 154 -7.44 21.14 -8.30
C SER C 154 -7.58 21.29 -6.80
N HIS C 155 -7.26 20.28 -6.02
CA HIS C 155 -7.31 20.37 -4.56
C HIS C 155 -6.02 20.90 -3.97
N VAL C 156 -4.97 21.04 -4.77
CA VAL C 156 -3.72 21.64 -4.33
C VAL C 156 -3.44 22.82 -5.23
N ILE C 157 -3.26 23.99 -4.64
CA ILE C 157 -2.99 25.22 -5.37
C ILE C 157 -1.63 25.71 -4.90
N TRP C 158 -0.64 25.56 -5.77
CA TRP C 158 0.71 26.00 -5.46
C TRP C 158 0.82 27.52 -5.54
N ASP C 159 1.85 28.05 -4.88
CA ASP C 159 2.18 29.45 -5.04
C ASP C 159 2.55 29.74 -6.49
N SER C 160 1.97 30.81 -7.05
CA SER C 160 2.27 31.17 -8.42
C SER C 160 3.70 31.68 -8.59
N ASN C 161 4.24 32.34 -7.57
CA ASN C 161 5.56 32.95 -7.69
C ASN C 161 6.71 31.93 -7.63
N SER C 162 6.45 30.72 -7.13
CA SER C 162 7.50 29.73 -7.04
C SER C 162 7.88 29.21 -8.41
N LYS C 163 9.18 28.97 -8.61
CA LYS C 163 9.69 28.46 -9.89
C LYS C 163 10.71 27.35 -9.64
N LEU C 164 10.34 26.36 -8.84
CA LEU C 164 11.16 25.18 -8.65
C LEU C 164 10.35 23.96 -9.09
N MET C 165 11.06 22.89 -9.43
CA MET C 165 10.41 21.59 -9.48
C MET C 165 9.88 21.21 -8.11
N ASP C 166 10.68 21.44 -7.06
CA ASP C 166 10.29 21.04 -5.72
C ASP C 166 9.37 22.05 -5.06
N LYS C 167 9.21 23.24 -5.63
CA LYS C 167 8.39 24.29 -5.04
C LYS C 167 8.80 24.60 -3.61
N SER C 168 10.11 24.60 -3.34
CA SER C 168 10.59 25.14 -2.08
C SER C 168 10.43 26.65 -2.04
N ASP C 169 10.36 27.29 -3.21
CA ASP C 169 10.06 28.72 -3.27
C ASP C 169 8.66 29.02 -2.78
N ALA C 170 7.74 28.06 -2.94
CA ALA C 170 6.36 28.29 -2.52
C ALA C 170 6.29 28.40 -1.01
N ARG C 171 5.76 29.52 -0.52
CA ARG C 171 5.57 29.74 0.90
C ARG C 171 4.13 29.49 1.34
N HIS C 172 3.30 28.95 0.46
CA HIS C 172 1.90 28.74 0.77
C HIS C 172 1.30 27.77 -0.24
N CYS C 173 0.33 27.00 0.22
CA CYS C 173 -0.39 26.06 -0.64
C CYS C 173 -1.67 25.65 0.08
N THR C 174 -2.77 25.58 -0.64
CA THR C 174 -4.06 25.29 -0.04
C THR C 174 -4.51 23.87 -0.37
N VAL C 175 -5.40 23.36 0.49
CA VAL C 175 -6.00 22.04 0.30
C VAL C 175 -7.51 22.21 0.33
N ILE C 176 -8.17 21.67 -0.69
CA ILE C 176 -9.58 21.88 -0.92
C ILE C 176 -10.36 20.66 -0.44
N HIS C 177 -11.40 20.90 0.34
CA HIS C 177 -12.32 19.86 0.76
C HIS C 177 -13.74 20.38 0.58
N SER C 178 -14.71 19.49 0.81
CA SER C 178 -16.11 19.85 0.79
C SER C 178 -16.76 19.39 2.09
N MET C 179 -17.75 20.14 2.55
CA MET C 179 -18.54 19.75 3.70
C MET C 179 -20.01 19.85 3.34
N SER C 180 -20.79 18.91 3.88
CA SER C 180 -22.22 19.11 4.02
C SER C 180 -22.45 20.02 5.23
N GLN C 181 -23.71 20.36 5.46
CA GLN C 181 -24.02 21.14 6.65
C GLN C 181 -23.59 20.40 7.90
N ASN C 182 -24.23 19.27 8.19
CA ASN C 182 -23.83 18.45 9.33
C ASN C 182 -22.35 18.10 9.28
N GLY C 183 -21.83 17.87 8.07
CA GLY C 183 -20.39 17.73 7.92
C GLY C 183 -19.65 18.96 8.38
N TRP C 184 -20.20 20.15 8.09
CA TRP C 184 -19.56 21.38 8.54
C TRP C 184 -19.49 21.46 10.06
N GLU C 185 -20.62 21.21 10.73
CA GLU C 185 -20.58 21.29 12.20
C GLU C 185 -19.68 20.24 12.81
N ASP C 186 -19.71 19.00 12.28
CA ASP C 186 -18.86 17.98 12.90
C ASP C 186 -17.37 18.23 12.62
N PHE C 187 -17.03 18.70 11.42
CA PHE C 187 -15.65 19.05 11.14
C PHE C 187 -15.18 20.17 12.04
N ALA C 188 -16.02 21.18 12.25
CA ALA C 188 -15.67 22.23 13.22
C ALA C 188 -15.45 21.63 14.60
N GLU C 189 -16.42 20.85 15.08
CA GLU C 189 -16.34 20.28 16.43
C GLU C 189 -15.06 19.50 16.63
N LYS C 190 -14.63 18.76 15.61
CA LYS C 190 -13.38 18.01 15.73
C LYS C 190 -12.20 18.95 15.89
N TYR C 191 -12.27 20.15 15.32
CA TYR C 191 -11.14 21.08 15.35
C TYR C 191 -11.46 22.39 16.05
N ASP C 192 -12.51 23.10 15.62
CA ASP C 192 -12.64 24.53 15.92
C ASP C 192 -14.09 24.82 16.29
N LEU C 193 -14.52 26.08 16.27
CA LEU C 193 -15.92 26.44 16.45
C LEU C 193 -16.55 26.53 15.07
N ASP C 194 -17.88 26.49 15.04
CA ASP C 194 -18.64 26.41 13.80
C ASP C 194 -19.32 27.74 13.50
N ALA C 195 -19.13 28.24 12.29
CA ALA C 195 -19.86 29.38 11.75
C ALA C 195 -20.65 28.90 10.55
N ASP C 196 -21.98 28.90 10.67
CA ASP C 196 -22.83 28.34 9.64
C ASP C 196 -22.77 29.16 8.37
N ASP C 197 -23.00 28.49 7.24
CA ASP C 197 -22.99 29.12 5.94
C ASP C 197 -24.40 29.46 5.45
N ILE C 217 -20.16 23.84 0.23
CA ILE C 217 -19.28 24.28 1.30
C ILE C 217 -17.85 23.83 1.03
N GLN C 218 -17.05 24.73 0.47
CA GLN C 218 -15.67 24.43 0.11
C GLN C 218 -14.75 25.02 1.17
N ILE C 219 -13.75 24.25 1.57
CA ILE C 219 -12.78 24.70 2.56
C ILE C 219 -11.41 24.80 1.89
N ALA C 220 -10.53 25.57 2.51
CA ALA C 220 -9.15 25.69 2.05
C ALA C 220 -8.23 25.54 3.25
N GLU C 221 -7.14 24.80 3.06
CA GLU C 221 -6.12 24.61 4.09
C GLU C 221 -4.88 25.38 3.65
N PHE C 222 -4.87 26.68 3.92
CA PHE C 222 -3.81 27.58 3.47
C PHE C 222 -2.65 27.47 4.43
N TYR C 223 -1.54 26.93 3.93
CA TYR C 223 -0.35 26.80 4.76
C TYR C 223 0.52 28.03 4.61
N GLU C 224 1.52 28.15 5.49
CA GLU C 224 2.37 29.33 5.49
C GLU C 224 3.80 28.92 5.77
N VAL C 225 4.72 29.60 5.10
CA VAL C 225 6.15 29.51 5.41
C VAL C 225 6.63 30.93 5.63
N VAL C 226 6.85 31.29 6.89
CA VAL C 226 7.30 32.63 7.25
C VAL C 226 8.76 32.53 7.67
N GLU C 227 9.49 33.62 7.46
CA GLU C 227 10.93 33.64 7.67
C GLU C 227 11.32 34.94 8.34
N LYS C 228 12.39 34.88 9.12
CA LYS C 228 13.00 36.08 9.71
C LYS C 228 14.26 36.37 8.91
N LYS C 229 14.22 37.44 8.11
CA LYS C 229 15.32 37.82 7.25
C LYS C 229 16.08 38.95 7.92
N GLU C 230 17.31 38.67 8.34
CA GLU C 230 18.16 39.68 8.94
C GLU C 230 19.53 39.66 8.30
N THR C 231 20.37 40.65 8.62
CA THR C 231 21.71 40.76 8.08
C THR C 231 22.80 40.43 9.09
N ALA C 232 22.49 40.55 10.39
CA ALA C 232 23.31 40.06 11.48
C ALA C 232 24.58 40.88 11.70
N PHE C 233 24.87 41.81 10.79
CA PHE C 233 26.02 42.71 10.88
C PHE C 233 27.26 42.03 11.44
N ILE C 234 27.75 40.99 10.76
CA ILE C 234 28.85 40.21 11.30
C ILE C 234 30.09 41.08 11.45
N TYR C 235 30.63 41.11 12.67
CA TYR C 235 31.73 41.99 13.05
C TYR C 235 32.93 41.16 13.48
N GLN C 236 34.13 41.69 13.24
CA GLN C 236 35.37 41.01 13.56
C GLN C 236 36.26 41.85 14.46
N ASP C 237 37.10 41.17 15.21
CA ASP C 237 38.07 41.72 16.15
C ASP C 237 39.44 41.15 15.81
N PRO C 238 40.52 41.54 16.51
CA PRO C 238 41.79 40.82 16.34
C PRO C 238 41.63 39.33 16.54
N VAL C 239 40.77 38.95 17.49
CA VAL C 239 40.39 37.55 17.63
C VAL C 239 39.41 37.16 16.52
N THR C 240 39.19 35.85 16.39
CA THR C 240 38.31 35.34 15.34
C THR C 240 36.92 35.95 15.46
N GLY C 241 36.31 36.23 14.31
CA GLY C 241 35.07 36.99 14.25
C GLY C 241 33.86 36.25 14.77
N GLU C 242 33.36 36.67 15.92
CA GLU C 242 32.12 36.14 16.45
C GLU C 242 30.93 36.95 15.93
N PRO C 243 29.74 36.33 15.87
CA PRO C 243 28.55 37.08 15.46
C PRO C 243 28.22 38.22 16.42
N VAL C 244 28.35 39.45 15.93
CA VAL C 244 28.07 40.64 16.74
C VAL C 244 27.01 41.45 16.02
N SER C 245 26.17 42.14 16.79
CA SER C 245 25.15 43.04 16.26
C SER C 245 24.18 42.30 15.34
N TYR C 246 23.49 41.31 15.92
CA TYR C 246 22.60 40.47 15.13
C TYR C 246 21.46 41.28 14.51
N PHE C 247 21.05 42.37 15.13
CA PHE C 247 19.93 43.17 14.67
C PHE C 247 20.40 44.58 14.33
N LYS C 248 19.51 45.33 13.66
CA LYS C 248 19.80 46.74 13.39
C LYS C 248 19.75 47.59 14.64
N ARG C 249 18.88 47.27 15.60
CA ARG C 249 18.90 47.91 16.90
C ARG C 249 20.23 47.66 17.62
N ASP C 250 20.83 46.48 17.40
CA ASP C 250 22.11 46.18 18.00
C ASP C 250 23.21 47.12 17.53
N ILE C 251 23.21 47.48 16.25
CA ILE C 251 24.20 48.45 15.74
C ILE C 251 24.04 49.78 16.47
N LYS C 252 22.80 50.24 16.62
CA LYS C 252 22.53 51.44 17.41
C LYS C 252 22.96 51.27 18.86
N ASP C 253 23.02 50.04 19.36
CA ASP C 253 23.51 49.79 20.72
C ASP C 253 25.02 49.69 20.80
N VAL C 254 25.72 49.55 19.67
CA VAL C 254 27.17 49.39 19.68
C VAL C 254 27.84 50.49 18.86
N ILE C 255 27.22 51.67 18.82
CA ILE C 255 27.80 52.80 18.09
C ILE C 255 29.21 53.11 18.58
N ASP C 256 29.42 53.07 19.90
CA ASP C 256 30.77 53.22 20.43
C ASP C 256 31.62 51.98 20.14
N ASP C 257 31.02 50.79 20.22
CA ASP C 257 31.78 49.56 20.03
C ASP C 257 32.28 49.42 18.60
N LEU C 258 31.45 49.77 17.61
CA LEU C 258 31.86 49.63 16.22
C LEU C 258 33.07 50.51 15.90
N ALA C 259 33.14 51.69 16.50
CA ALA C 259 34.35 52.52 16.41
C ALA C 259 35.45 52.03 17.33
N ASP C 260 35.11 51.24 18.35
CA ASP C 260 36.09 50.67 19.26
C ASP C 260 36.67 49.36 18.76
N SER C 261 35.93 48.61 17.95
CA SER C 261 36.43 47.34 17.42
C SER C 261 37.58 47.59 16.45
N GLY C 262 38.47 46.60 16.35
CA GLY C 262 39.58 46.71 15.42
C GLY C 262 39.13 46.83 13.98
N PHE C 263 38.09 46.09 13.61
CA PHE C 263 37.49 46.16 12.28
C PHE C 263 36.03 46.55 12.41
N ILE C 264 35.64 47.59 11.68
CA ILE C 264 34.33 48.20 11.86
C ILE C 264 33.24 47.47 11.07
N LYS C 265 33.56 46.98 9.88
CA LYS C 265 32.55 46.33 9.04
C LYS C 265 33.23 45.58 7.92
N ILE C 266 32.90 44.31 7.76
CA ILE C 266 33.43 43.47 6.70
C ILE C 266 32.33 42.82 5.86
N ALA C 267 31.34 42.23 6.50
CA ALA C 267 30.35 41.43 5.78
C ALA C 267 28.97 41.63 6.38
N GLU C 268 27.96 41.16 5.66
CA GLU C 268 26.55 41.27 6.02
C GLU C 268 25.82 39.96 5.77
N ARG C 269 26.40 38.85 6.26
CA ARG C 269 25.84 37.52 6.01
C ARG C 269 24.39 37.44 6.48
N GLN C 270 23.48 37.22 5.54
CA GLN C 270 22.04 37.30 5.81
C GLN C 270 21.54 35.99 6.42
N ILE C 271 21.73 35.86 7.73
CA ILE C 271 21.19 34.70 8.43
C ILE C 271 19.67 34.79 8.46
N LYS C 272 19.02 33.65 8.28
CA LYS C 272 17.57 33.61 8.19
C LYS C 272 17.02 32.48 9.06
N ARG C 273 15.81 32.68 9.57
CA ARG C 273 15.10 31.67 10.33
C ARG C 273 13.68 31.56 9.78
N ARG C 274 13.32 30.37 9.31
CA ARG C 274 12.05 30.14 8.64
C ARG C 274 11.30 29.00 9.31
N ARG C 275 9.97 29.06 9.24
CA ARG C 275 9.10 28.05 9.81
C ARG C 275 7.88 27.88 8.94
N VAL C 276 7.40 26.64 8.81
CA VAL C 276 6.14 26.39 8.12
C VAL C 276 5.00 26.51 9.11
N TYR C 277 3.88 27.09 8.67
CA TYR C 277 2.73 27.31 9.53
C TYR C 277 1.49 26.76 8.86
N LYS C 278 0.52 26.34 9.67
CA LYS C 278 -0.70 25.72 9.17
C LYS C 278 -1.91 26.55 9.60
N SER C 279 -2.80 26.83 8.66
CA SER C 279 -4.02 27.58 8.93
C SER C 279 -5.18 26.95 8.19
N ILE C 280 -6.36 27.00 8.81
CA ILE C 280 -7.60 26.51 8.21
C ILE C 280 -8.51 27.71 7.99
N ILE C 281 -8.80 27.99 6.72
CA ILE C 281 -9.71 29.06 6.35
C ILE C 281 -10.93 28.45 5.67
N THR C 282 -11.88 29.30 5.31
CA THR C 282 -12.99 28.90 4.46
C THR C 282 -13.30 30.02 3.48
N CYS C 283 -13.98 29.65 2.40
CA CYS C 283 -14.21 30.58 1.30
C CYS C 283 -14.99 31.81 1.74
N THR C 284 -16.24 31.60 2.17
CA THR C 284 -17.09 32.74 2.52
C THR C 284 -16.80 33.23 3.93
N ALA C 285 -16.96 32.37 4.92
CA ALA C 285 -16.85 32.78 6.32
C ALA C 285 -15.38 33.01 6.69
N VAL C 286 -15.17 33.28 7.98
CA VAL C 286 -13.84 33.57 8.51
C VAL C 286 -13.04 32.28 8.64
N LEU C 287 -11.72 32.41 8.77
CA LEU C 287 -10.87 31.26 8.93
C LEU C 287 -11.19 30.52 10.24
N LYS C 288 -11.01 29.20 10.21
CA LYS C 288 -11.27 28.37 11.38
C LYS C 288 -10.09 28.32 12.34
N ASP C 289 -8.87 28.24 11.82
CA ASP C 289 -7.66 28.25 12.64
C ASP C 289 -6.72 29.34 12.15
N LYS C 290 -6.19 30.11 13.10
CA LYS C 290 -5.32 31.23 12.75
C LYS C 290 -3.89 30.78 12.51
N GLN C 291 -3.27 30.14 13.51
CA GLN C 291 -1.85 29.83 13.42
C GLN C 291 -1.59 28.49 14.08
N LEU C 292 -0.94 27.59 13.34
CA LEU C 292 -0.57 26.29 13.85
C LEU C 292 0.79 25.90 13.28
N ILE C 293 1.56 25.19 14.09
CA ILE C 293 2.94 24.83 13.75
C ILE C 293 3.03 23.33 13.57
N ALA C 294 3.58 22.90 12.43
CA ALA C 294 3.80 21.49 12.18
C ALA C 294 5.02 21.36 11.27
N GLY C 295 6.19 21.15 11.89
CA GLY C 295 7.43 21.04 11.13
C GLY C 295 8.01 22.38 10.73
N GLU C 296 8.85 22.40 9.68
CA GLU C 296 9.47 23.64 9.23
C GLU C 296 9.33 23.82 7.72
N HIS C 297 9.03 22.74 7.01
CA HIS C 297 8.80 22.76 5.57
C HIS C 297 7.34 22.42 5.28
N ILE C 298 6.88 22.83 4.09
CA ILE C 298 5.56 22.43 3.61
C ILE C 298 5.60 20.93 3.35
N PRO C 299 4.75 20.14 3.99
CA PRO C 299 4.81 18.69 3.80
C PRO C 299 4.48 18.25 2.40
N ILE C 300 3.75 19.06 1.63
CA ILE C 300 3.33 18.64 0.30
C ILE C 300 4.51 18.70 -0.65
N VAL C 301 4.87 17.56 -1.20
CA VAL C 301 5.92 17.44 -2.22
C VAL C 301 5.27 17.04 -3.53
N PRO C 302 5.41 17.83 -4.58
CA PRO C 302 4.70 17.54 -5.83
C PRO C 302 5.52 16.73 -6.83
N VAL C 303 4.84 16.04 -7.72
CA VAL C 303 5.47 15.36 -8.85
C VAL C 303 4.91 15.96 -10.13
N PHE C 304 5.72 15.95 -11.19
CA PHE C 304 5.36 16.60 -12.44
C PHE C 304 5.78 15.75 -13.62
N GLY C 305 5.07 15.92 -14.73
CA GLY C 305 5.46 15.28 -15.98
C GLY C 305 6.51 16.10 -16.70
N GLU C 306 6.37 16.28 -18.00
CA GLU C 306 7.23 17.20 -18.73
C GLU C 306 6.86 18.62 -18.32
N TRP C 307 7.55 19.13 -17.30
CA TRP C 307 7.17 20.41 -16.71
C TRP C 307 8.17 21.47 -17.17
N GLY C 308 7.68 22.69 -17.34
CA GLY C 308 8.55 23.79 -17.74
C GLY C 308 7.80 25.10 -17.73
N PHE C 309 8.44 26.12 -18.30
CA PHE C 309 7.81 27.41 -18.52
C PHE C 309 7.72 27.67 -20.02
N VAL C 310 6.51 27.97 -20.48
CA VAL C 310 6.27 28.34 -21.87
C VAL C 310 5.76 29.77 -21.86
N GLU C 311 6.63 30.70 -22.23
CA GLU C 311 6.34 32.13 -22.15
C GLU C 311 5.87 32.50 -20.75
N ASP C 312 6.75 32.28 -19.77
CA ASP C 312 6.57 32.76 -18.39
C ASP C 312 5.29 32.23 -17.76
N LYS C 313 5.04 30.93 -17.91
CA LYS C 313 3.96 30.29 -17.18
C LYS C 313 4.33 28.83 -16.92
N GLU C 314 3.95 28.33 -15.76
CA GLU C 314 4.22 26.93 -15.44
C GLU C 314 3.36 26.03 -16.31
N VAL C 315 3.99 25.02 -16.90
CA VAL C 315 3.29 24.01 -17.69
C VAL C 315 3.84 22.65 -17.30
N TYR C 316 2.96 21.68 -17.12
CA TYR C 316 3.34 20.30 -16.89
C TYR C 316 2.50 19.42 -17.80
N GLU C 317 3.07 18.31 -18.25
CA GLU C 317 2.39 17.51 -19.26
C GLU C 317 2.20 16.07 -18.80
N GLY C 318 1.55 15.27 -19.63
CA GLY C 318 1.42 13.86 -19.40
C GLY C 318 1.55 13.10 -20.71
N VAL C 319 0.99 11.89 -20.78
CA VAL C 319 1.01 11.10 -22.00
C VAL C 319 -0.42 10.98 -22.50
N VAL C 320 -1.23 11.99 -22.21
CA VAL C 320 -2.67 11.91 -22.44
C VAL C 320 -3.14 12.84 -23.54
N ARG C 321 -2.35 13.82 -23.97
CA ARG C 321 -2.87 14.83 -24.89
C ARG C 321 -2.90 14.33 -26.33
N LEU C 322 -1.73 14.07 -26.92
CA LEU C 322 -1.69 13.57 -28.29
C LEU C 322 -2.27 12.16 -28.35
N THR C 323 -1.97 11.34 -27.34
CA THR C 323 -2.59 10.03 -27.25
C THR C 323 -4.10 10.12 -27.12
N LYS C 324 -4.61 11.17 -26.46
CA LYS C 324 -6.05 11.39 -26.38
C LYS C 324 -6.63 11.72 -27.75
N ASP C 325 -5.94 12.57 -28.50
CA ASP C 325 -6.36 12.86 -29.86
C ASP C 325 -6.44 11.58 -30.68
N GLY C 326 -5.36 10.79 -30.64
CA GLY C 326 -5.34 9.55 -31.42
C GLY C 326 -6.40 8.57 -30.97
N GLN C 327 -6.62 8.47 -29.66
CA GLN C 327 -7.64 7.57 -29.14
C GLN C 327 -9.03 8.00 -29.59
N ARG C 328 -9.28 9.32 -29.57
CA ARG C 328 -10.54 9.83 -30.09
C ARG C 328 -10.70 9.45 -31.56
N LEU C 329 -9.64 9.58 -32.34
CA LEU C 329 -9.70 9.21 -33.75
C LEU C 329 -10.02 7.74 -33.93
N ARG C 330 -9.35 6.87 -33.17
CA ARG C 330 -9.62 5.45 -33.28
C ARG C 330 -11.05 5.13 -32.89
N ASN C 331 -11.52 5.73 -31.80
CA ASN C 331 -12.87 5.45 -31.33
C ASN C 331 -13.89 5.89 -32.36
N MET C 332 -13.66 7.04 -33.02
CA MET C 332 -14.66 7.53 -33.95
C MET C 332 -14.63 6.74 -35.25
N ILE C 333 -13.45 6.28 -35.69
CA ILE C 333 -13.41 5.44 -36.89
C ILE C 333 -14.05 4.08 -36.61
N MET C 334 -13.80 3.52 -35.42
CA MET C 334 -14.43 2.26 -35.07
C MET C 334 -15.93 2.42 -34.87
N SER C 335 -16.37 3.58 -34.41
CA SER C 335 -17.80 3.86 -34.35
C SER C 335 -18.40 3.97 -35.74
N PHE C 336 -17.69 4.61 -36.68
CA PHE C 336 -18.08 4.53 -38.09
C PHE C 336 -18.27 3.08 -38.51
N ASN C 337 -17.31 2.23 -38.19
CA ASN C 337 -17.40 0.82 -38.57
C ASN C 337 -18.67 0.18 -38.00
N ALA C 338 -18.88 0.36 -36.69
CA ALA C 338 -20.02 -0.26 -36.03
C ALA C 338 -21.33 0.24 -36.61
N ASP C 339 -21.46 1.55 -36.81
CA ASP C 339 -22.68 2.11 -37.35
C ASP C 339 -22.93 1.63 -38.78
N ILE C 340 -21.87 1.51 -39.59
CA ILE C 340 -22.04 0.96 -40.93
C ILE C 340 -22.56 -0.47 -40.86
N VAL C 341 -22.02 -1.27 -39.95
CA VAL C 341 -22.48 -2.64 -39.82
C VAL C 341 -23.89 -2.70 -39.27
N ALA C 342 -24.21 -1.79 -38.35
CA ALA C 342 -25.44 -1.89 -37.57
C ALA C 342 -26.69 -1.49 -38.35
N ARG C 343 -27.05 -2.26 -39.37
CA ARG C 343 -28.39 -2.15 -39.95
C ARG C 343 -28.71 -3.47 -40.62
N THR C 344 -29.98 -3.67 -40.95
CA THR C 344 -30.41 -4.94 -41.55
C THR C 344 -29.71 -5.14 -42.89
N PRO C 345 -29.13 -6.32 -43.14
CA PRO C 345 -28.59 -6.60 -44.48
C PRO C 345 -29.67 -6.64 -45.56
N LYS C 346 -30.92 -6.86 -45.19
CA LYS C 346 -32.00 -6.91 -46.18
C LYS C 346 -32.16 -5.56 -46.87
N LYS C 347 -32.54 -5.59 -48.14
CA LYS C 347 -32.63 -4.38 -48.93
C LYS C 347 -34.04 -3.79 -48.84
N LYS C 348 -34.09 -2.47 -48.65
CA LYS C 348 -35.35 -1.76 -48.54
C LYS C 348 -35.76 -1.21 -49.89
N PRO C 349 -36.86 -1.69 -50.47
CA PRO C 349 -37.30 -1.20 -51.78
C PRO C 349 -38.06 0.12 -51.70
N PHE C 350 -38.07 0.82 -52.83
CA PHE C 350 -38.83 2.05 -53.01
C PHE C 350 -39.79 1.87 -54.17
N PHE C 351 -41.05 2.23 -53.94
CA PHE C 351 -42.11 2.05 -54.93
C PHE C 351 -43.29 2.95 -54.57
N TRP C 352 -44.15 3.19 -55.54
CA TRP C 352 -45.38 3.93 -55.29
C TRP C 352 -46.29 3.12 -54.39
N PRO C 353 -47.14 3.78 -53.58
CA PRO C 353 -48.10 3.02 -52.77
C PRO C 353 -49.04 2.18 -53.62
N GLU C 354 -49.40 2.65 -54.82
CA GLU C 354 -50.26 1.88 -55.71
C GLU C 354 -49.51 0.75 -56.41
N GLN C 355 -48.18 0.77 -56.40
CA GLN C 355 -47.42 -0.31 -57.02
C GLN C 355 -47.65 -1.65 -56.33
N ILE C 356 -48.01 -1.64 -55.05
CA ILE C 356 -48.33 -2.86 -54.33
C ILE C 356 -49.69 -2.69 -53.66
N ALA C 357 -50.55 -1.87 -54.27
CA ALA C 357 -51.80 -1.45 -53.67
C ALA C 357 -52.63 -2.63 -53.17
N GLY C 358 -52.58 -3.75 -53.89
CA GLY C 358 -53.28 -4.93 -53.45
C GLY C 358 -52.39 -5.88 -52.67
N PHE C 359 -51.09 -5.86 -52.97
CA PHE C 359 -50.14 -6.83 -52.42
C PHE C 359 -49.29 -6.16 -51.34
N GLU C 360 -49.84 -6.09 -50.13
CA GLU C 360 -49.11 -5.58 -48.99
C GLU C 360 -48.62 -6.67 -48.03
N HIS C 361 -49.30 -7.81 -47.98
CA HIS C 361 -48.86 -8.90 -47.12
C HIS C 361 -47.64 -9.62 -47.67
N MET C 362 -47.26 -9.36 -48.92
CA MET C 362 -45.98 -9.80 -49.47
C MET C 362 -44.81 -9.12 -48.76
N TYR C 363 -44.85 -7.79 -48.67
CA TYR C 363 -43.70 -7.00 -48.26
C TYR C 363 -43.80 -6.66 -46.77
N ASP C 364 -43.61 -7.69 -45.95
CA ASP C 364 -43.65 -7.53 -44.50
C ASP C 364 -42.42 -8.08 -43.79
N GLY C 365 -41.77 -9.11 -44.34
CA GLY C 365 -40.64 -9.73 -43.67
C GLY C 365 -41.07 -10.81 -42.70
N ASN C 366 -42.38 -10.92 -42.48
CA ASN C 366 -42.94 -11.93 -41.60
C ASN C 366 -43.12 -13.27 -42.29
N ASP C 367 -43.05 -13.31 -43.63
CA ASP C 367 -43.18 -14.55 -44.38
C ASP C 367 -42.26 -14.47 -45.60
N ASP C 368 -42.00 -15.62 -46.20
CA ASP C 368 -41.14 -15.70 -47.38
C ASP C 368 -41.89 -16.49 -48.45
N TYR C 369 -42.24 -15.83 -49.51
CA TYR C 369 -43.02 -16.42 -50.59
C TYR C 369 -42.10 -16.81 -51.74
N PRO C 370 -42.48 -17.84 -52.51
CA PRO C 370 -41.63 -18.25 -53.65
C PRO C 370 -41.41 -17.12 -54.64
N TYR C 371 -42.41 -16.26 -54.77
CA TYR C 371 -42.35 -15.11 -55.65
C TYR C 371 -43.22 -13.98 -55.09
N TYR C 372 -43.00 -12.78 -55.60
CA TYR C 372 -43.65 -11.57 -55.09
C TYR C 372 -44.38 -10.88 -56.22
N LEU C 373 -45.48 -10.21 -55.89
CA LEU C 373 -46.41 -9.71 -56.88
C LEU C 373 -46.27 -8.20 -57.06
N LEU C 374 -46.50 -7.75 -58.29
CA LEU C 374 -46.52 -6.34 -58.61
C LEU C 374 -47.64 -6.09 -59.61
N ASN C 375 -48.41 -5.03 -59.39
CA ASN C 375 -49.53 -4.70 -60.26
C ASN C 375 -49.01 -4.02 -61.53
N ARG C 376 -49.91 -3.43 -62.31
CA ARG C 376 -49.58 -2.89 -63.62
C ARG C 376 -48.41 -1.91 -63.56
N THR C 377 -48.41 -1.02 -62.58
CA THR C 377 -47.33 -0.06 -62.42
C THR C 377 -47.34 0.53 -61.02
N PRO C 388 -38.59 -4.17 -61.63
CA PRO C 388 -38.88 -2.76 -61.95
C PRO C 388 -39.23 -1.96 -60.71
N LEU C 389 -38.24 -1.68 -59.88
CA LEU C 389 -38.45 -0.99 -58.61
C LEU C 389 -37.11 -0.44 -58.15
N ALA C 390 -37.17 0.47 -57.18
CA ALA C 390 -36.00 1.11 -56.62
C ALA C 390 -35.75 0.60 -55.21
N TYR C 391 -34.51 0.73 -54.75
CA TYR C 391 -34.10 0.28 -53.42
C TYR C 391 -33.33 1.39 -52.73
N TYR C 392 -33.15 1.22 -51.42
CA TYR C 392 -32.41 2.18 -50.60
C TYR C 392 -30.93 1.80 -50.58
N GLU C 393 -30.08 2.78 -50.87
CA GLU C 393 -28.63 2.56 -50.87
C GLU C 393 -28.17 2.30 -49.44
N ASN C 394 -27.47 1.19 -49.24
CA ASN C 394 -26.90 0.90 -47.93
C ASN C 394 -25.45 1.38 -47.87
N PRO C 395 -25.07 2.05 -46.78
CA PRO C 395 -23.66 2.43 -46.60
C PRO C 395 -22.78 1.19 -46.54
N GLU C 396 -21.59 1.32 -47.10
CA GLU C 396 -20.67 0.20 -47.28
C GLU C 396 -19.29 0.57 -46.79
N VAL C 397 -18.57 -0.42 -46.26
CA VAL C 397 -17.24 -0.19 -45.70
C VAL C 397 -16.27 0.20 -46.80
N PRO C 398 -15.55 1.31 -46.68
CA PRO C 398 -14.61 1.70 -47.74
C PRO C 398 -13.46 0.72 -47.94
N GLN C 399 -13.12 -0.06 -46.91
CA GLN C 399 -11.94 -0.92 -46.88
C GLN C 399 -10.66 -0.09 -46.90
N ALA C 400 -10.79 1.22 -47.08
CA ALA C 400 -9.69 2.15 -46.96
C ALA C 400 -9.50 2.61 -45.53
N ASN C 401 -10.47 2.34 -44.65
CA ASN C 401 -10.34 2.60 -43.24
C ASN C 401 -9.13 1.91 -42.63
N ALA C 402 -8.73 0.76 -43.16
CA ALA C 402 -7.72 -0.08 -42.54
C ALA C 402 -6.50 0.74 -42.13
N TYR C 403 -5.81 1.32 -43.10
CA TYR C 403 -4.56 2.02 -42.79
C TYR C 403 -4.77 3.13 -41.77
N MET C 404 -5.94 3.77 -41.76
CA MET C 404 -6.26 4.67 -40.66
C MET C 404 -6.26 3.94 -39.32
N LEU C 405 -6.97 2.80 -39.24
CA LEU C 405 -7.02 2.10 -37.96
C LEU C 405 -5.64 1.69 -37.48
N GLU C 406 -4.87 1.01 -38.32
CA GLU C 406 -3.57 0.53 -37.85
C GLU C 406 -2.57 1.65 -37.67
N ALA C 407 -2.65 2.72 -38.48
CA ALA C 407 -1.76 3.85 -38.28
C ALA C 407 -2.03 4.52 -36.95
N ALA C 408 -3.31 4.75 -36.63
CA ALA C 408 -3.65 5.34 -35.34
C ALA C 408 -3.23 4.42 -34.20
N THR C 409 -3.45 3.11 -34.38
CA THR C 409 -3.03 2.15 -33.35
C THR C 409 -1.54 2.22 -33.10
N SER C 410 -0.74 2.17 -34.16
CA SER C 410 0.70 2.23 -34.01
C SER C 410 1.14 3.55 -33.40
N ALA C 411 0.53 4.66 -33.82
CA ALA C 411 0.90 5.96 -33.27
C ALA C 411 0.62 6.01 -31.77
N VAL C 412 -0.55 5.56 -31.36
CA VAL C 412 -0.91 5.68 -29.94
C VAL C 412 -0.07 4.73 -29.10
N LYS C 413 0.32 3.57 -29.66
CA LYS C 413 1.26 2.72 -28.93
C LYS C 413 2.68 3.28 -28.90
N GLU C 414 3.09 4.03 -29.91
CA GLU C 414 4.50 4.36 -30.05
C GLU C 414 4.88 5.72 -29.50
N VAL C 415 4.07 6.76 -29.76
CA VAL C 415 4.43 8.09 -29.29
C VAL C 415 4.44 8.14 -27.77
N ALA C 416 3.66 7.28 -27.13
CA ALA C 416 3.65 7.23 -25.67
C ALA C 416 4.97 6.67 -25.15
N THR C 417 5.29 5.43 -25.52
CA THR C 417 6.50 4.77 -25.06
C THR C 417 7.18 4.07 -26.22
N LEU C 418 8.52 3.97 -26.12
CA LEU C 418 9.37 3.28 -27.09
C LEU C 418 8.95 3.50 -28.55
N ASP C 443 15.86 3.64 -24.11
CA ASP C 443 15.32 4.35 -22.95
C ASP C 443 15.35 3.47 -21.71
N LEU C 444 14.60 2.37 -21.78
CA LEU C 444 14.38 1.44 -20.68
C LEU C 444 13.51 2.09 -19.59
N GLU C 445 13.23 3.38 -19.76
CA GLU C 445 12.37 4.14 -18.85
C GLU C 445 12.19 5.53 -19.45
N THR C 446 11.04 6.14 -19.19
CA THR C 446 10.80 7.52 -19.62
C THR C 446 11.59 8.45 -18.72
N TYR C 447 12.82 8.77 -19.14
CA TYR C 447 13.83 9.32 -18.23
C TYR C 447 13.34 10.53 -17.46
N VAL C 448 12.56 11.40 -18.11
CA VAL C 448 12.01 12.57 -17.42
C VAL C 448 11.18 12.13 -16.23
N PHE C 449 10.39 11.07 -16.38
CA PHE C 449 9.49 10.71 -15.28
C PHE C 449 10.25 10.21 -14.06
N GLN C 450 11.20 9.29 -14.23
CA GLN C 450 11.84 8.77 -13.03
C GLN C 450 12.82 9.77 -12.46
N ASP C 451 13.43 10.62 -13.29
CA ASP C 451 14.34 11.60 -12.69
C ASP C 451 13.56 12.69 -11.96
N ASN C 452 12.39 13.06 -12.47
CA ASN C 452 11.50 13.95 -11.73
C ASN C 452 11.06 13.26 -10.43
N LEU C 453 10.76 11.97 -10.49
CA LEU C 453 10.43 11.22 -9.29
C LEU C 453 11.60 11.22 -8.31
N ALA C 454 12.83 11.15 -8.81
CA ALA C 454 14.00 11.19 -7.94
C ALA C 454 14.11 12.53 -7.24
N THR C 455 13.86 13.62 -7.98
CA THR C 455 13.86 14.93 -7.35
C THR C 455 12.76 15.03 -6.30
N ALA C 456 11.58 14.46 -6.60
CA ALA C 456 10.49 14.43 -5.63
C ALA C 456 10.86 13.65 -4.39
N MET C 457 11.53 12.50 -4.58
CA MET C 457 12.04 11.73 -3.45
C MET C 457 13.03 12.53 -2.63
N ARG C 458 13.90 13.29 -3.30
CA ARG C 458 14.89 14.10 -2.59
C ARG C 458 14.21 15.16 -1.73
N ARG C 459 13.21 15.84 -2.28
CA ARG C 459 12.50 16.84 -1.49
C ARG C 459 11.68 16.19 -0.38
N ASP C 460 11.09 15.03 -0.66
CA ASP C 460 10.33 14.32 0.36
C ASP C 460 11.23 13.91 1.52
N GLY C 461 12.43 13.41 1.20
CA GLY C 461 13.38 13.08 2.24
C GLY C 461 13.87 14.31 2.99
N GLU C 462 13.97 15.44 2.28
CA GLU C 462 14.34 16.69 2.93
C GLU C 462 13.31 17.05 4.00
N ILE C 463 12.04 17.05 3.62
CA ILE C 463 10.98 17.34 4.59
C ILE C 463 10.96 16.29 5.69
N TYR C 464 11.25 15.04 5.33
CA TYR C 464 11.32 13.97 6.32
C TYR C 464 12.39 14.25 7.37
N GLN C 465 13.60 14.60 6.92
CA GLN C 465 14.66 14.93 7.86
C GLN C 465 14.26 16.12 8.72
N SER C 466 13.67 17.14 8.11
CA SER C 466 13.23 18.30 8.86
C SER C 466 12.26 17.91 9.98
N ILE C 467 11.21 17.17 9.63
CA ILE C 467 10.16 16.87 10.61
C ILE C 467 10.68 15.90 11.66
N VAL C 468 11.51 14.93 11.26
CA VAL C 468 12.07 13.99 12.23
C VAL C 468 12.97 14.73 13.21
N ASN C 469 13.80 15.64 12.73
CA ASN C 469 14.56 16.52 13.61
C ASN C 469 13.62 17.33 14.51
N ASP C 470 12.46 17.70 13.99
CA ASP C 470 11.49 18.49 14.74
C ASP C 470 10.74 17.69 15.79
N ILE C 471 10.70 16.37 15.70
CA ILE C 471 9.89 15.53 16.59
C ILE C 471 10.76 14.61 17.44
N TYR C 472 11.76 13.98 16.85
CA TYR C 472 12.46 12.93 17.56
C TYR C 472 13.61 13.48 18.39
N ASP C 473 13.27 14.30 19.39
CA ASP C 473 14.22 14.76 20.39
C ASP C 473 14.14 13.91 21.66
N VAL C 474 13.00 13.28 21.89
CA VAL C 474 12.82 12.38 23.04
C VAL C 474 13.60 11.11 22.79
N PRO C 475 14.24 10.54 23.81
CA PRO C 475 14.77 9.18 23.67
C PRO C 475 13.66 8.19 23.35
N ARG C 476 13.70 7.63 22.14
CA ARG C 476 12.71 6.67 21.68
C ARG C 476 13.40 5.43 21.15
N ASN C 477 12.63 4.35 21.05
CA ASN C 477 13.12 3.08 20.53
C ASN C 477 12.50 2.83 19.17
N VAL C 478 13.33 2.82 18.13
CA VAL C 478 12.88 2.73 16.75
C VAL C 478 13.58 1.57 16.06
N THR C 479 12.82 0.84 15.26
CA THR C 479 13.33 -0.30 14.51
C THR C 479 13.88 0.17 13.18
N ILE C 480 15.02 -0.37 12.79
CA ILE C 480 15.73 0.06 11.59
C ILE C 480 15.56 -0.99 10.51
N THR C 481 15.02 -0.57 9.37
CA THR C 481 14.97 -1.40 8.18
C THR C 481 16.20 -1.05 7.36
N LEU C 482 17.27 -1.82 7.54
CA LEU C 482 18.48 -1.59 6.79
C LEU C 482 18.31 -2.06 5.35
N GLU C 483 19.41 -1.99 4.61
CA GLU C 483 19.44 -2.56 3.28
C GLU C 483 19.12 -4.05 3.36
N ASP C 484 18.53 -4.56 2.29
CA ASP C 484 18.00 -5.92 2.23
C ASP C 484 16.85 -6.10 3.24
N GLY C 485 16.22 -4.99 3.63
CA GLY C 485 15.08 -5.03 4.52
C GLY C 485 15.35 -5.61 5.89
N SER C 486 16.60 -5.62 6.35
CA SER C 486 16.94 -6.25 7.63
C SER C 486 16.43 -5.38 8.76
N GLU C 487 15.41 -5.86 9.47
CA GLU C 487 14.82 -5.13 10.57
C GLU C 487 15.66 -5.29 11.83
N LYS C 488 15.76 -4.21 12.59
CA LYS C 488 16.46 -4.24 13.88
C LYS C 488 16.12 -2.99 14.66
N ASP C 489 15.91 -3.17 15.97
CA ASP C 489 15.35 -2.16 16.85
C ASP C 489 16.45 -1.50 17.66
N VAL C 490 16.50 -0.16 17.61
CA VAL C 490 17.57 0.60 18.25
C VAL C 490 16.97 1.82 18.93
N GLN C 491 17.46 2.13 20.13
CA GLN C 491 17.10 3.33 20.85
C GLN C 491 17.59 4.56 20.10
N LEU C 492 16.84 5.66 20.22
CA LEU C 492 17.19 6.87 19.47
C LEU C 492 18.57 7.40 19.85
N MET C 493 18.73 7.86 21.10
CA MET C 493 20.03 8.41 21.49
C MET C 493 20.84 7.41 22.31
N ALA C 494 20.17 6.69 23.22
CA ALA C 494 20.84 5.69 24.05
C ALA C 494 22.00 6.32 24.83
N GLU C 495 21.60 7.16 25.78
CA GLU C 495 22.47 8.04 26.56
C GLU C 495 23.53 7.29 27.37
N VAL C 496 23.57 5.97 27.29
CA VAL C 496 24.53 5.17 28.06
C VAL C 496 25.93 5.76 27.98
N VAL C 497 26.61 5.80 29.11
CA VAL C 497 27.87 6.51 29.27
C VAL C 497 29.03 5.64 28.80
N ASP C 498 30.05 6.27 28.22
CA ASP C 498 31.27 5.56 27.88
C ASP C 498 31.93 4.98 29.11
N LEU C 499 32.57 3.82 28.93
CA LEU C 499 33.30 3.19 30.02
C LEU C 499 34.79 3.47 29.89
N ALA C 500 35.26 3.73 28.68
CA ALA C 500 36.64 4.12 28.43
C ALA C 500 36.86 5.62 28.56
N THR C 501 35.83 6.43 28.31
CA THR C 501 35.93 7.88 28.38
C THR C 501 35.19 8.44 29.59
N GLY C 502 33.95 8.03 29.79
CA GLY C 502 33.14 8.52 30.89
C GLY C 502 32.16 9.61 30.51
N GLU C 503 32.01 9.91 29.23
CA GLU C 503 31.07 10.92 28.75
C GLU C 503 29.72 10.28 28.46
N LYS C 504 28.67 11.10 28.52
CA LYS C 504 27.31 10.60 28.35
C LYS C 504 27.12 9.98 26.97
N GLN C 505 27.60 10.66 25.93
CA GLN C 505 27.70 10.14 24.56
C GLN C 505 26.43 9.41 24.13
N VAL C 506 25.34 10.19 24.02
CA VAL C 506 24.16 9.69 23.35
C VAL C 506 24.57 9.16 21.99
N LEU C 507 24.21 7.90 21.71
CA LEU C 507 24.87 7.16 20.65
C LEU C 507 24.54 7.74 19.28
N ASN C 508 23.27 7.72 18.88
CA ASN C 508 22.90 8.14 17.54
C ASN C 508 22.63 9.63 17.47
N ASP C 509 21.66 10.11 18.25
CA ASP C 509 21.28 11.53 18.26
C ASP C 509 21.04 12.03 16.84
N ILE C 510 20.02 11.43 16.22
CA ILE C 510 19.80 11.58 14.78
C ILE C 510 19.59 13.05 14.42
N ARG C 511 19.12 13.84 15.38
CA ARG C 511 18.88 15.26 15.16
C ARG C 511 20.14 15.95 14.65
N GLY C 512 19.99 16.69 13.55
CA GLY C 512 21.09 17.40 12.95
C GLY C 512 20.67 18.16 11.71
N ARG C 513 21.49 18.09 10.67
CA ARG C 513 21.20 18.78 9.41
C ARG C 513 21.83 17.97 8.30
N TYR C 514 21.01 17.21 7.57
CA TYR C 514 21.49 16.35 6.51
C TYR C 514 20.84 16.76 5.20
N GLU C 515 21.58 16.65 4.11
CA GLU C 515 21.04 16.93 2.79
C GLU C 515 20.77 15.62 2.06
N CYS C 516 19.73 15.62 1.24
CA CYS C 516 19.30 14.40 0.56
C CYS C 516 19.95 14.29 -0.81
N TYR C 517 20.21 13.05 -1.20
CA TYR C 517 20.81 12.75 -2.50
C TYR C 517 20.46 11.32 -2.86
N THR C 518 19.84 11.15 -4.02
CA THR C 518 19.31 9.87 -4.44
C THR C 518 20.15 9.28 -5.55
N ASP C 519 20.30 7.96 -5.53
CA ASP C 519 21.06 7.23 -6.54
C ASP C 519 20.15 6.16 -7.13
N VAL C 520 19.42 6.50 -8.18
CA VAL C 520 18.66 5.51 -8.92
C VAL C 520 19.62 4.68 -9.76
N GLY C 521 19.36 3.38 -9.84
CA GLY C 521 20.21 2.51 -10.62
C GLY C 521 20.12 1.06 -10.18
N PRO C 522 21.27 0.44 -9.92
CA PRO C 522 21.30 -1.00 -9.63
C PRO C 522 20.61 -1.31 -8.32
N SER C 523 19.49 -2.02 -8.40
CA SER C 523 18.77 -2.43 -7.21
C SER C 523 19.57 -3.44 -6.41
N PHE C 524 19.28 -3.51 -5.11
CA PHE C 524 20.02 -4.44 -4.25
C PHE C 524 19.81 -5.87 -4.70
N GLN C 525 18.57 -6.23 -5.02
CA GLN C 525 18.33 -7.54 -5.62
C GLN C 525 19.00 -7.63 -6.98
N SER C 526 18.98 -6.55 -7.76
CA SER C 526 19.66 -6.53 -9.04
C SER C 526 21.16 -6.67 -8.86
N MET C 527 21.74 -5.94 -7.91
CA MET C 527 23.17 -6.07 -7.65
C MET C 527 23.51 -7.48 -7.18
N LYS C 528 22.67 -8.06 -6.33
CA LYS C 528 22.90 -9.43 -5.89
C LYS C 528 22.90 -10.40 -7.07
N GLN C 529 21.90 -10.28 -7.94
CA GLN C 529 21.79 -11.21 -9.06
C GLN C 529 22.95 -11.06 -10.03
N GLN C 530 23.32 -9.82 -10.34
CA GLN C 530 24.44 -9.63 -11.26
C GLN C 530 25.75 -10.07 -10.63
N ASN C 531 25.92 -9.87 -9.32
CA ASN C 531 27.10 -10.37 -8.64
C ASN C 531 27.15 -11.89 -8.69
N ARG C 532 26.01 -12.55 -8.48
CA ARG C 532 25.95 -13.99 -8.59
C ARG C 532 26.33 -14.46 -9.98
N ALA C 533 25.80 -13.79 -11.01
CA ALA C 533 26.14 -14.16 -12.37
C ALA C 533 27.63 -13.98 -12.62
N GLU C 534 28.19 -12.84 -12.22
CA GLU C 534 29.60 -12.58 -12.43
C GLU C 534 30.46 -13.63 -11.74
N ILE C 535 30.14 -13.96 -10.49
CA ILE C 535 30.99 -14.87 -9.74
C ILE C 535 30.87 -16.29 -10.27
N LEU C 536 29.66 -16.69 -10.71
CA LEU C 536 29.56 -18.01 -11.30
C LEU C 536 30.34 -18.10 -12.60
N GLU C 537 30.34 -17.02 -13.39
CA GLU C 537 31.20 -16.98 -14.56
C GLU C 537 32.66 -17.12 -14.16
N LEU C 538 33.06 -16.41 -13.09
CA LEU C 538 34.44 -16.50 -12.61
C LEU C 538 34.80 -17.95 -12.27
N LEU C 539 33.93 -18.61 -11.51
CA LEU C 539 34.18 -20.02 -11.19
C LEU C 539 34.25 -20.87 -12.45
N GLY C 540 33.43 -20.55 -13.45
CA GLY C 540 33.53 -21.24 -14.72
C GLY C 540 34.86 -21.04 -15.40
N LYS C 541 35.48 -19.88 -15.20
CA LYS C 541 36.78 -19.62 -15.82
C LYS C 541 37.89 -19.52 -14.77
N THR C 542 37.83 -20.37 -13.75
CA THR C 542 38.85 -20.33 -12.71
C THR C 542 39.36 -21.74 -12.45
N PRO C 543 40.68 -21.95 -12.44
CA PRO C 543 41.19 -23.25 -12.01
C PRO C 543 40.82 -23.55 -10.57
N GLN C 544 40.51 -24.80 -10.30
CA GLN C 544 40.10 -25.22 -8.97
C GLN C 544 41.31 -25.41 -8.07
N GLY C 545 41.03 -25.70 -6.80
CA GLY C 545 42.08 -25.95 -5.84
C GLY C 545 42.64 -24.69 -5.20
N THR C 546 42.73 -23.61 -5.98
CA THR C 546 43.27 -22.37 -5.44
C THR C 546 42.34 -21.83 -4.35
N PRO C 547 42.92 -21.24 -3.30
CA PRO C 547 42.07 -20.69 -2.22
C PRO C 547 41.10 -19.65 -2.72
N GLU C 548 41.43 -18.93 -3.79
CA GLU C 548 40.50 -17.96 -4.34
C GLU C 548 39.26 -18.64 -4.91
N TYR C 549 39.44 -19.83 -5.48
CA TYR C 549 38.30 -20.60 -5.98
C TYR C 549 37.30 -20.86 -4.86
N GLN C 550 37.78 -21.40 -3.74
CA GLN C 550 36.89 -21.70 -2.62
C GLN C 550 36.35 -20.42 -1.98
N LEU C 551 37.16 -19.36 -1.97
CA LEU C 551 36.69 -18.07 -1.47
C LEU C 551 35.51 -17.58 -2.28
N LEU C 552 35.61 -17.64 -3.61
CA LEU C 552 34.50 -17.23 -4.46
C LEU C 552 33.31 -18.15 -4.26
N LEU C 553 33.55 -19.44 -4.11
CA LEU C 553 32.46 -20.36 -3.81
C LEU C 553 31.70 -19.91 -2.57
N LEU C 554 32.43 -19.68 -1.47
CA LEU C 554 31.80 -19.31 -0.20
C LEU C 554 31.09 -17.97 -0.31
N GLN C 555 31.71 -17.02 -1.02
CA GLN C 555 31.06 -15.73 -1.25
C GLN C 555 29.73 -15.93 -1.98
N TYR C 556 29.71 -16.82 -2.97
CA TYR C 556 28.48 -17.10 -3.69
C TYR C 556 27.41 -17.69 -2.78
N PHE C 557 27.78 -18.71 -1.99
CA PHE C 557 26.77 -19.34 -1.14
C PHE C 557 26.25 -18.35 -0.12
N THR C 558 27.13 -17.48 0.39
CA THR C 558 26.69 -16.42 1.28
C THR C 558 25.75 -15.46 0.57
N LEU C 559 26.03 -15.16 -0.70
CA LEU C 559 25.25 -14.20 -1.47
C LEU C 559 23.94 -14.78 -1.99
N LEU C 560 23.64 -16.04 -1.66
CA LEU C 560 22.44 -16.70 -2.14
C LEU C 560 21.23 -16.23 -1.34
N ASP C 561 20.09 -16.89 -1.55
CA ASP C 561 18.84 -16.47 -0.92
C ASP C 561 18.76 -17.03 0.49
N GLY C 562 17.58 -16.94 1.12
CA GLY C 562 17.46 -17.19 2.54
C GLY C 562 17.06 -18.60 2.93
N LYS C 563 15.77 -18.77 3.27
CA LYS C 563 15.27 -20.03 3.82
C LYS C 563 15.68 -21.25 3.00
N GLY C 564 15.97 -21.06 1.72
CA GLY C 564 16.37 -22.16 0.87
C GLY C 564 17.74 -22.74 1.20
N VAL C 565 18.76 -21.89 1.26
CA VAL C 565 20.14 -22.36 1.31
C VAL C 565 20.83 -21.83 2.55
N GLU C 566 20.07 -21.57 3.61
CA GLU C 566 20.64 -20.96 4.81
C GLU C 566 21.73 -21.83 5.42
N MET C 567 21.65 -23.15 5.22
CA MET C 567 22.68 -24.02 5.80
C MET C 567 24.03 -23.84 5.10
N MET C 568 24.06 -23.81 3.76
CA MET C 568 25.32 -23.54 3.08
C MET C 568 25.84 -22.15 3.44
N ARG C 569 24.95 -21.16 3.48
CA ARG C 569 25.40 -19.80 3.77
C ARG C 569 26.00 -19.72 5.16
N ASP C 570 25.36 -20.33 6.15
CA ASP C 570 25.88 -20.31 7.51
C ASP C 570 27.21 -21.05 7.58
N TYR C 571 27.31 -22.20 6.93
CA TYR C 571 28.58 -22.92 6.89
C TYR C 571 29.68 -22.10 6.23
N ALA C 572 29.33 -21.37 5.17
CA ALA C 572 30.30 -20.57 4.46
C ALA C 572 30.78 -19.40 5.31
N ASN C 573 29.85 -18.74 6.01
CA ASN C 573 30.26 -17.67 6.93
C ASN C 573 31.15 -18.22 8.03
N LYS C 574 30.78 -19.38 8.58
CA LYS C 574 31.61 -20.03 9.59
C LYS C 574 33.02 -20.25 9.05
N GLN C 575 33.13 -20.86 7.88
CA GLN C 575 34.43 -21.14 7.29
C GLN C 575 35.22 -19.85 7.07
N LEU C 576 34.59 -18.86 6.44
CA LEU C 576 35.27 -17.62 6.08
C LEU C 576 35.80 -16.91 7.32
N ILE C 577 35.02 -16.93 8.39
CA ILE C 577 35.51 -16.41 9.66
C ILE C 577 36.66 -17.26 10.17
N GLN C 578 36.56 -18.59 10.01
CA GLN C 578 37.58 -19.47 10.56
C GLN C 578 38.95 -19.32 9.92
N MET C 579 39.05 -19.18 8.60
CA MET C 579 40.40 -18.91 8.10
C MET C 579 40.68 -17.41 8.04
N GLY C 580 39.73 -16.59 8.49
CA GLY C 580 39.99 -15.19 8.74
C GLY C 580 39.71 -14.25 7.59
N VAL C 581 39.07 -14.72 6.52
CA VAL C 581 38.76 -13.84 5.40
C VAL C 581 37.81 -12.73 5.86
N LYS C 582 36.78 -13.08 6.61
CA LYS C 582 35.86 -12.11 7.16
C LYS C 582 35.99 -12.08 8.68
N LYS C 583 35.91 -10.87 9.24
CA LYS C 583 36.02 -10.71 10.67
C LYS C 583 34.83 -11.35 11.38
N PRO C 584 35.05 -11.95 12.54
CA PRO C 584 33.92 -12.49 13.32
C PRO C 584 33.06 -11.36 13.88
N GLU C 585 31.77 -11.65 14.03
CA GLU C 585 30.80 -10.65 14.45
C GLU C 585 30.07 -11.00 15.74
N THR C 586 29.92 -12.28 16.06
CA THR C 586 29.23 -12.70 17.28
C THR C 586 30.11 -13.74 17.95
N PRO C 587 30.10 -13.81 19.28
CA PRO C 587 31.18 -14.54 19.99
C PRO C 587 31.41 -15.95 19.53
N GLU C 588 30.38 -16.64 19.03
CA GLU C 588 30.60 -17.97 18.47
C GLU C 588 31.57 -17.90 17.30
N GLU C 589 31.49 -16.82 16.50
CA GLU C 589 32.40 -16.68 15.37
C GLU C 589 33.84 -16.47 15.81
N GLN C 590 34.05 -15.64 16.84
CA GLN C 590 35.39 -15.46 17.36
C GLN C 590 35.94 -16.76 17.94
N GLN C 591 35.09 -17.50 18.65
CA GLN C 591 35.54 -18.79 19.19
C GLN C 591 35.89 -19.75 18.07
N TRP C 592 35.09 -19.77 17.00
CA TRP C 592 35.39 -20.63 15.86
C TRP C 592 36.72 -20.25 15.24
N LEU C 593 36.96 -18.95 15.08
CA LEU C 593 38.21 -18.48 14.49
C LEU C 593 39.40 -18.88 15.34
N VAL C 594 39.32 -18.67 16.66
CA VAL C 594 40.45 -19.02 17.50
C VAL C 594 40.64 -20.53 17.57
N GLU C 595 39.55 -21.29 17.55
CA GLU C 595 39.66 -22.74 17.57
C GLU C 595 40.33 -23.26 16.31
N ALA C 596 39.98 -22.67 15.17
CA ALA C 596 40.67 -23.04 13.93
C ALA C 596 42.14 -22.62 13.96
N GLN C 597 42.41 -21.43 14.51
CA GLN C 597 43.77 -20.91 14.53
C GLN C 597 44.69 -21.79 15.36
N GLN C 598 44.23 -22.21 16.55
CA GLN C 598 45.03 -23.08 17.39
C GLN C 598 45.21 -24.47 16.79
N ALA C 599 44.33 -24.89 15.88
CA ALA C 599 44.42 -26.20 15.27
C ALA C 599 45.60 -26.27 14.31
#